data_7APE
#
_entry.id   7APE
#
_cell.length_a   92.361
_cell.length_b   92.361
_cell.length_c   216.577
_cell.angle_alpha   90.000
_cell.angle_beta   90.000
_cell.angle_gamma   90.000
#
_symmetry.space_group_name_H-M   'P 41 21 2'
#
loop_
_entity.id
_entity.type
_entity.pdbx_description
1 polymer 'Lipoprotein (Sugar-binding) lpqY'
2 branched alpha-D-glucopyranose-(1-1)-alpha-D-glucopyranose
3 water water
#
_entity_poly.entity_id   1
_entity_poly.type   'polypeptide(L)'
_entity_poly.pdbx_seq_one_letter_code
;MTASTVAACGSDSGEIVISYYTPANEAATFTAVAQRCNAELGGRFRIEQRSLPREADAQRLQLARRLTGNDRSLDVMALD
VVWTAEFAEAGWALPLSEDPAGLAEADATTNTLPGPLETAKWNGELYAAPITTNTQLLWYRADLMDEPPATWDEMLSEAA
RLHAQGGPSWIAVQGKQYEGLVVWFNTLLESAGGQVLSDDGQRVTLTDTPEHRAATVKALEIIKAVATAPGADPSITQTD
ENTARLALEQGRAALEVNWPYVLPSLLENAIKGGVGFLPLNENPALRGSINDVGTFAPTDEQFDLALNASKEVFGFARYP
GVRPDEPARVTLGGLNLAVASTTRHKAEAFEAVRCLRNEENQRLTSIEGGLPAVRTSLYDDPQFQAKYPQYEIIRDQLIN
AAVRPATPVYQAMSTRMSATLAPISQIDPERTADELAEQVQQAIDGKGLIP
;
_entity_poly.pdbx_strand_id   A,B
#
# COMPACT_ATOMS: atom_id res chain seq x y z
N GLY A 14 -27.04 -6.05 -37.59
CA GLY A 14 -26.76 -5.44 -36.31
C GLY A 14 -25.42 -5.81 -35.69
N GLU A 15 -25.01 -5.02 -34.69
CA GLU A 15 -23.69 -5.07 -34.12
C GLU A 15 -23.51 -6.24 -33.15
N ILE A 16 -22.24 -6.50 -32.83
CA ILE A 16 -21.87 -7.38 -31.72
C ILE A 16 -22.38 -6.79 -30.41
N VAL A 17 -22.92 -7.66 -29.55
CA VAL A 17 -23.36 -7.29 -28.20
C VAL A 17 -22.43 -8.00 -27.21
N ILE A 18 -21.79 -7.21 -26.35
CA ILE A 18 -20.94 -7.74 -25.28
C ILE A 18 -21.75 -7.68 -23.98
N SER A 19 -22.04 -8.84 -23.40
CA SER A 19 -22.71 -8.88 -22.11
C SER A 19 -21.71 -8.52 -21.01
N TYR A 20 -22.19 -7.78 -20.00
CA TYR A 20 -21.34 -7.33 -18.90
C TYR A 20 -22.09 -7.56 -17.59
N TYR A 21 -21.73 -8.64 -16.88
CA TYR A 21 -22.41 -9.06 -15.65
C TYR A 21 -21.79 -8.40 -14.43
N THR A 22 -22.61 -7.71 -13.66
CA THR A 22 -22.19 -7.11 -12.40
C THR A 22 -23.27 -7.36 -11.36
N PRO A 23 -22.94 -7.26 -10.07
CA PRO A 23 -24.00 -7.34 -9.04
C PRO A 23 -25.04 -6.26 -9.25
N ALA A 24 -26.28 -6.61 -8.90
CA ALA A 24 -27.39 -5.67 -9.01
C ALA A 24 -27.19 -4.44 -8.14
N ASN A 25 -26.35 -4.55 -7.10
CA ASN A 25 -26.11 -3.41 -6.22
C ASN A 25 -25.54 -2.21 -6.96
N GLU A 26 -24.83 -2.45 -8.07
CA GLU A 26 -24.23 -1.39 -8.86
C GLU A 26 -24.73 -1.40 -10.31
N ALA A 27 -25.94 -1.94 -10.52
CA ALA A 27 -26.49 -1.99 -11.88
C ALA A 27 -26.65 -0.59 -12.47
N ALA A 28 -27.14 0.36 -11.66
CA ALA A 28 -27.35 1.71 -12.20
C ALA A 28 -26.03 2.34 -12.60
N THR A 29 -25.03 2.24 -11.73
CA THR A 29 -23.74 2.82 -12.07
C THR A 29 -23.11 2.14 -13.29
N PHE A 30 -23.10 0.80 -13.33
CA PHE A 30 -22.41 0.19 -14.45
C PHE A 30 -23.24 0.17 -15.73
N THR A 31 -24.56 0.36 -15.65
CA THR A 31 -25.34 0.67 -16.85
C THR A 31 -24.89 2.02 -17.43
N ALA A 32 -24.69 3.02 -16.56
CA ALA A 32 -24.22 4.32 -17.03
C ALA A 32 -22.83 4.22 -17.66
N VAL A 33 -21.93 3.47 -17.03
CA VAL A 33 -20.58 3.30 -17.59
C VAL A 33 -20.66 2.62 -18.95
N ALA A 34 -21.49 1.59 -19.06
CA ALA A 34 -21.64 0.87 -20.32
C ALA A 34 -22.16 1.81 -21.42
N GLN A 35 -23.11 2.68 -21.07
CA GLN A 35 -23.66 3.61 -22.07
C GLN A 35 -22.61 4.61 -22.51
N ARG A 36 -21.77 5.08 -21.58
CA ARG A 36 -20.66 5.93 -21.98
C ARG A 36 -19.75 5.19 -22.94
N CYS A 37 -19.44 3.94 -22.63
CA CYS A 37 -18.61 3.14 -23.52
C CYS A 37 -19.23 3.02 -24.91
N ASN A 38 -20.53 2.71 -24.95
CA ASN A 38 -21.20 2.56 -26.23
C ASN A 38 -21.04 3.80 -27.11
N ALA A 39 -21.15 4.99 -26.52
CA ALA A 39 -20.91 6.20 -27.30
C ALA A 39 -19.45 6.30 -27.73
N GLU A 40 -18.52 5.96 -26.84
CA GLU A 40 -17.11 6.03 -27.17
C GLU A 40 -16.70 4.99 -28.20
N LEU A 41 -17.50 3.95 -28.40
CA LEU A 41 -17.15 2.84 -29.28
C LEU A 41 -17.62 3.08 -30.71
N GLY A 42 -18.41 4.13 -30.93
CA GLY A 42 -18.74 4.58 -32.27
C GLY A 42 -19.47 3.58 -33.13
N GLY A 43 -20.17 2.62 -32.51
CA GLY A 43 -20.97 1.65 -33.22
C GLY A 43 -20.27 0.39 -33.62
N ARG A 44 -18.98 0.23 -33.28
CA ARG A 44 -18.31 -1.02 -33.65
C ARG A 44 -18.87 -2.20 -32.88
N PHE A 45 -19.33 -1.99 -31.65
CA PHE A 45 -20.10 -2.98 -30.92
C PHE A 45 -20.74 -2.26 -29.74
N ARG A 46 -21.61 -2.97 -29.04
CA ARG A 46 -22.31 -2.42 -27.89
C ARG A 46 -22.03 -3.29 -26.67
N ILE A 47 -22.10 -2.66 -25.49
CA ILE A 47 -22.03 -3.36 -24.21
C ILE A 47 -23.37 -3.24 -23.50
N GLU A 48 -23.87 -4.36 -22.97
CA GLU A 48 -25.12 -4.38 -22.22
C GLU A 48 -24.88 -4.95 -20.82
N GLN A 49 -25.24 -4.15 -19.81
CA GLN A 49 -25.13 -4.58 -18.42
C GLN A 49 -26.22 -5.58 -18.06
N ARG A 50 -25.84 -6.62 -17.31
CA ARG A 50 -26.72 -7.67 -16.84
C ARG A 50 -26.45 -7.89 -15.35
N SER A 51 -27.51 -7.99 -14.53
CA SER A 51 -27.33 -7.99 -13.09
C SER A 51 -27.25 -9.40 -12.51
N LEU A 52 -26.33 -9.58 -11.58
CA LEU A 52 -26.20 -10.71 -10.71
C LEU A 52 -26.82 -10.41 -9.36
N PRO A 53 -27.00 -11.44 -8.52
CA PRO A 53 -27.59 -11.23 -7.18
C PRO A 53 -26.77 -10.30 -6.30
N ARG A 54 -27.36 -9.95 -5.16
CA ARG A 54 -26.80 -8.91 -4.32
C ARG A 54 -25.68 -9.38 -3.38
N GLU A 55 -25.61 -10.66 -3.06
CA GLU A 55 -24.58 -11.17 -2.16
C GLU A 55 -23.58 -12.02 -2.92
N ALA A 56 -22.34 -12.03 -2.42
CA ALA A 56 -21.21 -12.59 -3.17
C ALA A 56 -21.44 -14.06 -3.52
N ASP A 57 -21.74 -14.89 -2.52
CA ASP A 57 -21.89 -16.32 -2.77
C ASP A 57 -22.83 -16.58 -3.94
N ALA A 58 -23.94 -15.84 -3.99
CA ALA A 58 -24.92 -16.04 -5.04
C ALA A 58 -24.51 -15.45 -6.38
N GLN A 59 -23.72 -14.37 -6.38
CA GLN A 59 -23.15 -13.87 -7.63
C GLN A 59 -22.32 -14.98 -8.30
N ARG A 60 -21.44 -15.63 -7.51
CA ARG A 60 -20.60 -16.66 -8.07
C ARG A 60 -21.42 -17.83 -8.61
N LEU A 61 -22.43 -18.25 -7.86
CA LEU A 61 -23.22 -19.39 -8.29
C LEU A 61 -23.81 -19.16 -9.67
N GLN A 62 -24.33 -17.96 -9.93
CA GLN A 62 -24.99 -17.73 -11.22
C GLN A 62 -23.96 -17.67 -12.35
N LEU A 63 -22.81 -17.05 -12.11
CA LEU A 63 -21.77 -17.09 -13.12
C LEU A 63 -21.37 -18.54 -13.38
N ALA A 64 -21.17 -19.31 -12.30
CA ALA A 64 -20.76 -20.70 -12.44
C ALA A 64 -21.77 -21.48 -13.26
N ARG A 65 -23.05 -21.17 -13.11
CA ARG A 65 -24.07 -21.88 -13.88
C ARG A 65 -23.96 -21.56 -15.36
N ARG A 66 -23.76 -20.29 -15.69
CA ARG A 66 -23.61 -19.91 -17.10
C ARG A 66 -22.35 -20.51 -17.69
N LEU A 67 -21.27 -20.56 -16.90
CA LEU A 67 -20.00 -21.09 -17.39
C LEU A 67 -20.07 -22.60 -17.60
N THR A 68 -20.59 -23.33 -16.60
CA THR A 68 -20.75 -24.77 -16.72
C THR A 68 -21.71 -25.14 -17.84
N GLY A 69 -22.75 -24.33 -18.04
CA GLY A 69 -23.69 -24.57 -19.11
C GLY A 69 -23.27 -24.06 -20.46
N ASN A 70 -22.06 -23.52 -20.57
CA ASN A 70 -21.50 -23.07 -21.84
C ASN A 70 -22.40 -22.03 -22.52
N ASP A 71 -22.79 -21.02 -21.75
CA ASP A 71 -23.55 -19.90 -22.28
C ASP A 71 -22.65 -19.07 -23.19
N ARG A 72 -22.81 -19.23 -24.52
CA ARG A 72 -21.93 -18.58 -25.47
C ARG A 72 -22.18 -17.08 -25.59
N SER A 73 -23.21 -16.55 -24.93
CA SER A 73 -23.44 -15.11 -24.92
C SER A 73 -22.78 -14.41 -23.73
N LEU A 74 -22.12 -15.16 -22.87
CA LEU A 74 -21.46 -14.62 -21.66
C LEU A 74 -20.08 -14.10 -22.06
N ASP A 75 -19.86 -12.78 -21.92
CA ASP A 75 -18.63 -12.17 -22.38
C ASP A 75 -17.75 -11.62 -21.24
N VAL A 76 -18.25 -10.63 -20.49
CA VAL A 76 -17.45 -9.97 -19.46
C VAL A 76 -18.14 -10.13 -18.11
N MET A 77 -17.35 -10.47 -17.09
CA MET A 77 -17.92 -10.72 -15.77
C MET A 77 -17.12 -9.98 -14.72
N ALA A 78 -17.83 -9.29 -13.81
CA ALA A 78 -17.22 -8.58 -12.69
C ALA A 78 -17.11 -9.56 -11.52
N LEU A 79 -15.90 -10.11 -11.33
CA LEU A 79 -15.65 -11.09 -10.28
C LEU A 79 -15.25 -10.42 -8.96
N ASP A 80 -15.75 -10.98 -7.86
CA ASP A 80 -15.24 -10.65 -6.54
C ASP A 80 -13.77 -11.02 -6.47
N VAL A 81 -13.03 -10.31 -5.61
CA VAL A 81 -11.58 -10.38 -5.60
C VAL A 81 -11.07 -11.68 -5.00
N VAL A 82 -11.97 -12.58 -4.65
CA VAL A 82 -11.59 -13.87 -4.05
C VAL A 82 -11.82 -15.05 -4.98
N TRP A 83 -12.35 -14.85 -6.19
CA TRP A 83 -12.64 -15.97 -7.07
C TRP A 83 -11.57 -16.19 -8.15
N THR A 84 -10.53 -15.37 -8.18
CA THR A 84 -9.58 -15.43 -9.29
C THR A 84 -8.96 -16.82 -9.44
N ALA A 85 -8.45 -17.38 -8.35
CA ALA A 85 -7.74 -18.65 -8.45
C ALA A 85 -8.65 -19.74 -8.99
N GLU A 86 -9.85 -19.85 -8.44
CA GLU A 86 -10.80 -20.85 -8.93
C GLU A 86 -11.11 -20.65 -10.40
N PHE A 87 -11.47 -19.41 -10.80
CA PHE A 87 -11.91 -19.18 -12.18
C PHE A 87 -10.75 -19.34 -13.17
N ALA A 88 -9.52 -19.04 -12.73
CA ALA A 88 -8.37 -19.29 -13.58
C ALA A 88 -8.15 -20.79 -13.76
N GLU A 89 -8.11 -21.53 -12.67
CA GLU A 89 -7.85 -22.97 -12.78
C GLU A 89 -8.96 -23.71 -13.51
N ALA A 90 -10.21 -23.29 -13.38
CA ALA A 90 -11.31 -23.91 -14.11
C ALA A 90 -11.31 -23.61 -15.60
N GLY A 91 -10.47 -22.70 -16.08
CA GLY A 91 -10.53 -22.22 -17.44
C GLY A 91 -11.65 -21.27 -17.73
N TRP A 92 -12.31 -20.72 -16.70
CA TRP A 92 -13.48 -19.88 -16.87
C TRP A 92 -13.09 -18.44 -17.19
N ALA A 93 -12.03 -17.95 -16.56
CA ALA A 93 -11.51 -16.62 -16.81
C ALA A 93 -10.30 -16.75 -17.73
N LEU A 94 -10.33 -16.05 -18.86
CA LEU A 94 -9.21 -16.13 -19.80
C LEU A 94 -8.03 -15.32 -19.26
N PRO A 95 -6.81 -15.80 -19.43
CA PRO A 95 -5.66 -14.95 -19.12
C PRO A 95 -5.66 -13.70 -19.97
N LEU A 96 -5.22 -12.58 -19.38
CA LEU A 96 -5.14 -11.34 -20.16
C LEU A 96 -4.22 -11.49 -21.38
N SER A 97 -3.30 -12.45 -21.35
CA SER A 97 -2.40 -12.61 -22.47
C SER A 97 -3.09 -13.18 -23.69
N GLU A 98 -4.33 -13.65 -23.56
CA GLU A 98 -5.09 -14.14 -24.71
C GLU A 98 -5.80 -13.03 -25.47
N ASP A 99 -5.64 -11.78 -25.09
CA ASP A 99 -6.22 -10.68 -25.82
C ASP A 99 -5.65 -10.63 -27.24
N PRO A 100 -6.46 -10.81 -28.29
CA PRO A 100 -5.91 -10.75 -29.66
C PRO A 100 -5.13 -9.47 -29.93
N ALA A 101 -5.54 -8.36 -29.34
CA ALA A 101 -4.88 -7.08 -29.53
C ALA A 101 -3.61 -6.92 -28.71
N GLY A 102 -3.38 -7.79 -27.74
CA GLY A 102 -2.19 -7.70 -26.90
C GLY A 102 -2.12 -6.45 -26.04
N LEU A 103 -3.25 -5.89 -25.64
CA LEU A 103 -3.26 -4.65 -24.86
C LEU A 103 -3.80 -4.82 -23.46
N ALA A 104 -4.41 -5.96 -23.15
CA ALA A 104 -5.12 -6.10 -21.88
C ALA A 104 -4.15 -6.07 -20.69
N GLU A 105 -3.02 -6.74 -20.82
CA GLU A 105 -2.09 -6.83 -19.69
C GLU A 105 -1.51 -5.46 -19.35
N ALA A 106 -1.12 -4.68 -20.36
CA ALA A 106 -0.60 -3.35 -20.08
C ALA A 106 -1.69 -2.42 -19.52
N ASP A 107 -2.92 -2.54 -20.02
CA ASP A 107 -3.99 -1.67 -19.53
C ASP A 107 -4.26 -1.95 -18.04
N ALA A 108 -4.23 -3.22 -17.67
CA ALA A 108 -4.52 -3.61 -16.30
C ALA A 108 -3.41 -3.20 -15.34
N THR A 109 -2.20 -3.07 -15.86
CA THR A 109 -1.02 -2.90 -15.04
C THR A 109 -0.70 -1.43 -14.80
N THR A 110 -1.08 -0.57 -15.72
CA THR A 110 -0.74 0.84 -15.65
C THR A 110 -1.81 1.61 -14.88
N ASN A 111 -1.36 2.60 -14.12
CA ASN A 111 -2.24 3.47 -13.32
C ASN A 111 -3.33 2.67 -12.62
N THR A 112 -2.92 1.56 -11.97
CA THR A 112 -3.84 0.68 -11.27
C THR A 112 -3.23 0.29 -9.94
N LEU A 113 -4.00 0.42 -8.87
CA LEU A 113 -3.44 0.21 -7.54
C LEU A 113 -2.92 -1.22 -7.40
N PRO A 114 -1.68 -1.42 -6.91
CA PRO A 114 -1.08 -2.78 -6.99
C PRO A 114 -1.66 -3.78 -6.04
N GLY A 115 -2.26 -3.36 -4.93
CA GLY A 115 -2.86 -4.32 -4.03
C GLY A 115 -4.06 -4.98 -4.70
N PRO A 116 -5.01 -4.14 -5.17
CA PRO A 116 -6.08 -4.67 -6.03
C PRO A 116 -5.57 -5.52 -7.19
N LEU A 117 -4.52 -5.09 -7.87
CA LEU A 117 -3.98 -5.85 -8.99
C LEU A 117 -3.56 -7.25 -8.54
N GLU A 118 -2.96 -7.39 -7.36
CA GLU A 118 -2.57 -8.72 -6.92
C GLU A 118 -3.76 -9.66 -6.80
N THR A 119 -4.96 -9.13 -6.45
CA THR A 119 -6.11 -10.01 -6.29
C THR A 119 -6.58 -10.59 -7.62
N ALA A 120 -6.13 -10.02 -8.73
CA ALA A 120 -6.54 -10.45 -10.08
C ALA A 120 -5.55 -11.43 -10.67
N LYS A 121 -4.55 -11.85 -9.91
CA LYS A 121 -3.50 -12.72 -10.38
C LYS A 121 -3.69 -14.14 -9.89
N TRP A 122 -3.19 -15.10 -10.68
CA TRP A 122 -3.04 -16.46 -10.20
C TRP A 122 -1.74 -17.00 -10.79
N ASN A 123 -0.88 -17.54 -9.93
CA ASN A 123 0.37 -18.14 -10.41
C ASN A 123 1.16 -17.12 -11.23
N GLY A 124 1.14 -15.86 -10.78
CA GLY A 124 1.96 -14.84 -11.39
C GLY A 124 1.41 -14.21 -12.65
N GLU A 125 0.21 -14.58 -13.08
CA GLU A 125 -0.39 -14.11 -14.33
C GLU A 125 -1.72 -13.45 -14.05
N LEU A 126 -2.08 -12.49 -14.86
CA LEU A 126 -3.36 -11.79 -14.70
C LEU A 126 -4.47 -12.56 -15.40
N TYR A 127 -5.57 -12.76 -14.68
CA TYR A 127 -6.78 -13.34 -15.26
C TYR A 127 -7.95 -12.36 -15.21
N ALA A 128 -7.71 -11.11 -14.84
CA ALA A 128 -8.76 -10.11 -14.74
C ALA A 128 -8.10 -8.75 -14.57
N ALA A 129 -8.87 -7.70 -14.85
CA ALA A 129 -8.42 -6.31 -14.74
C ALA A 129 -9.22 -5.65 -13.63
N PRO A 130 -8.60 -5.23 -12.53
CA PRO A 130 -9.37 -4.57 -11.48
C PRO A 130 -10.16 -3.39 -12.01
N ILE A 131 -11.42 -3.28 -11.57
CA ILE A 131 -12.18 -2.06 -11.91
C ILE A 131 -12.55 -1.29 -10.64
N THR A 132 -12.85 -1.98 -9.55
CA THR A 132 -13.08 -1.28 -8.29
C THR A 132 -12.40 -2.05 -7.15
N THR A 133 -12.00 -1.32 -6.14
CA THR A 133 -11.53 -1.90 -4.89
C THR A 133 -12.57 -1.57 -3.83
N ASN A 134 -12.22 -1.80 -2.56
CA ASN A 134 -13.21 -1.64 -1.51
C ASN A 134 -12.49 -1.86 -0.19
N THR A 135 -12.83 -1.04 0.80
CA THR A 135 -12.30 -1.18 2.16
C THR A 135 -13.36 -0.56 3.07
N GLN A 136 -13.72 -1.25 4.13
CA GLN A 136 -14.77 -0.76 5.01
C GLN A 136 -14.29 0.37 5.91
N LEU A 137 -15.19 1.34 6.12
CA LEU A 137 -14.98 2.44 7.06
C LEU A 137 -15.95 2.31 8.24
N LEU A 138 -15.65 3.06 9.29
CA LEU A 138 -16.58 3.31 10.38
C LEU A 138 -17.47 4.51 10.04
N TRP A 139 -18.79 4.31 10.13
CA TRP A 139 -19.77 5.36 9.96
C TRP A 139 -20.47 5.58 11.30
N TYR A 140 -20.74 6.83 11.65
CA TYR A 140 -21.26 7.07 12.98
C TYR A 140 -22.16 8.30 12.97
N ARG A 141 -23.02 8.36 13.97
CA ARG A 141 -23.91 9.51 14.17
C ARG A 141 -23.12 10.58 14.90
N ALA A 142 -22.64 11.57 14.16
CA ALA A 142 -21.77 12.59 14.71
C ALA A 142 -22.49 13.52 15.68
N ASP A 143 -23.83 13.53 15.66
CA ASP A 143 -24.59 14.34 16.60
C ASP A 143 -24.79 13.66 17.95
N LEU A 144 -24.55 12.33 18.03
CA LEU A 144 -24.83 11.56 19.24
C LEU A 144 -23.58 11.20 20.03
N MET A 145 -22.40 11.49 19.51
CA MET A 145 -21.16 11.26 20.24
C MET A 145 -20.18 12.34 19.80
N ASP A 146 -19.16 12.56 20.63
CA ASP A 146 -18.22 13.61 20.25
C ASP A 146 -17.13 13.10 19.30
N GLU A 147 -16.47 12.01 19.64
CA GLU A 147 -15.51 11.43 18.72
C GLU A 147 -15.86 9.98 18.48
N PRO A 148 -15.53 9.44 17.32
CA PRO A 148 -15.91 8.06 17.02
C PRO A 148 -15.01 7.06 17.74
N PRO A 149 -15.52 5.87 18.01
CA PRO A 149 -14.64 4.82 18.56
C PRO A 149 -13.44 4.52 17.68
N ALA A 150 -12.30 4.27 18.33
CA ALA A 150 -11.08 3.93 17.61
C ALA A 150 -10.75 2.45 17.66
N THR A 151 -11.40 1.71 18.55
CA THR A 151 -11.18 0.28 18.75
C THR A 151 -12.51 -0.39 18.98
N TRP A 152 -12.54 -1.72 18.89
CA TRP A 152 -13.79 -2.45 19.09
C TRP A 152 -14.24 -2.38 20.54
N ASP A 153 -13.29 -2.31 21.48
CA ASP A 153 -13.65 -2.07 22.89
C ASP A 153 -14.45 -0.79 23.02
N GLU A 154 -14.02 0.28 22.32
CA GLU A 154 -14.72 1.56 22.36
C GLU A 154 -16.04 1.52 21.61
N MET A 155 -16.13 0.69 20.57
CA MET A 155 -17.42 0.48 19.91
C MET A 155 -18.42 -0.07 20.93
N LEU A 156 -18.00 -1.07 21.71
CA LEU A 156 -18.88 -1.70 22.68
C LEU A 156 -19.26 -0.74 23.80
N SER A 157 -18.31 0.06 24.27
CA SER A 157 -18.58 1.02 25.33
C SER A 157 -19.50 2.14 24.87
N GLU A 158 -19.29 2.66 23.65
CA GLU A 158 -20.17 3.70 23.14
C GLU A 158 -21.57 3.17 22.89
N ALA A 159 -21.70 1.95 22.38
CA ALA A 159 -23.02 1.38 22.17
C ALA A 159 -23.75 1.22 23.51
N ALA A 160 -23.01 0.81 24.56
CA ALA A 160 -23.59 0.64 25.89
C ALA A 160 -24.05 1.98 26.46
N ARG A 161 -23.25 3.03 26.29
CA ARG A 161 -23.69 4.36 26.71
C ARG A 161 -24.99 4.75 26.04
N LEU A 162 -25.07 4.55 24.72
CA LEU A 162 -26.30 4.91 24.01
C LEU A 162 -27.48 4.07 24.47
N HIS A 163 -27.27 2.78 24.71
CA HIS A 163 -28.34 1.91 25.19
C HIS A 163 -28.86 2.37 26.54
N ALA A 164 -27.98 2.90 27.39
CA ALA A 164 -28.42 3.37 28.71
C ALA A 164 -29.36 4.57 28.59
N GLN A 165 -29.18 5.39 27.57
CA GLN A 165 -30.01 6.57 27.34
C GLN A 165 -31.10 6.32 26.33
N GLY A 166 -31.44 5.06 26.08
CA GLY A 166 -32.48 4.76 25.11
C GLY A 166 -32.17 5.22 23.70
N GLY A 167 -30.89 5.47 23.37
CA GLY A 167 -30.52 5.84 22.03
C GLY A 167 -30.38 4.64 21.13
N PRO A 168 -29.92 4.92 19.89
CA PRO A 168 -29.77 3.83 18.92
C PRO A 168 -28.54 2.99 19.23
N SER A 169 -28.81 1.81 19.81
CA SER A 169 -27.77 1.01 20.47
C SER A 169 -27.18 -0.06 19.58
N TRP A 170 -27.76 -0.30 18.42
CA TRP A 170 -27.28 -1.35 17.54
C TRP A 170 -25.91 -0.97 17.02
N ILE A 171 -25.06 -1.99 16.87
CA ILE A 171 -23.87 -1.88 16.03
C ILE A 171 -24.18 -2.58 14.72
N ALA A 172 -24.04 -1.85 13.60
CA ALA A 172 -24.46 -2.36 12.31
C ALA A 172 -23.30 -3.09 11.65
N VAL A 173 -23.40 -4.42 11.60
CA VAL A 173 -22.34 -5.28 11.09
C VAL A 173 -22.88 -6.24 10.04
N GLN A 174 -22.03 -7.15 9.58
CA GLN A 174 -22.41 -8.19 8.60
C GLN A 174 -22.20 -9.52 9.30
N GLY A 175 -23.25 -10.02 9.98
CA GLY A 175 -23.14 -11.17 10.84
C GLY A 175 -23.82 -12.45 10.39
N LYS A 176 -24.51 -12.40 9.26
CA LYS A 176 -25.18 -13.61 8.85
C LYS A 176 -24.22 -14.57 8.13
N GLN A 177 -24.71 -15.79 7.88
CA GLN A 177 -23.86 -16.86 7.38
C GLN A 177 -23.61 -16.67 5.89
N TYR A 178 -22.61 -15.84 5.57
CA TYR A 178 -22.23 -15.57 4.18
C TYR A 178 -20.87 -14.88 4.18
N GLU A 179 -20.42 -14.51 2.97
CA GLU A 179 -19.05 -14.01 2.78
C GLU A 179 -18.75 -12.81 3.67
N GLY A 180 -19.74 -11.95 3.91
CA GLY A 180 -19.49 -10.74 4.69
C GLY A 180 -19.07 -11.02 6.11
N LEU A 181 -19.54 -12.14 6.67
CA LEU A 181 -19.08 -12.57 7.99
C LEU A 181 -17.63 -13.02 7.93
N VAL A 182 -17.25 -13.70 6.85
CA VAL A 182 -15.86 -14.12 6.67
C VAL A 182 -14.95 -12.90 6.53
N VAL A 183 -15.43 -11.86 5.82
CA VAL A 183 -14.68 -10.60 5.71
C VAL A 183 -14.46 -9.97 7.09
N TRP A 184 -15.53 -9.88 7.89
CA TRP A 184 -15.43 -9.30 9.22
C TRP A 184 -14.39 -10.05 10.03
N PHE A 185 -14.50 -11.39 10.03
CA PHE A 185 -13.55 -12.19 10.78
C PHE A 185 -12.13 -11.97 10.26
N ASN A 186 -11.96 -11.97 8.92
CA ASN A 186 -10.61 -11.81 8.36
C ASN A 186 -10.00 -10.47 8.79
N THR A 187 -10.80 -9.40 8.77
CA THR A 187 -10.27 -8.12 9.18
C THR A 187 -9.85 -8.12 10.64
N LEU A 188 -10.70 -8.63 11.50
CA LEU A 188 -10.35 -8.68 12.93
C LEU A 188 -9.11 -9.54 13.14
N LEU A 189 -9.05 -10.68 12.47
CA LEU A 189 -7.90 -11.58 12.57
C LEU A 189 -6.59 -10.92 12.16
N GLU A 190 -6.57 -10.35 10.95
CA GLU A 190 -5.34 -9.73 10.48
C GLU A 190 -5.01 -8.52 11.34
N SER A 191 -6.03 -7.80 11.80
CA SER A 191 -5.76 -6.65 12.67
C SER A 191 -5.11 -7.08 13.98
N ALA A 192 -5.39 -8.30 14.44
CA ALA A 192 -4.80 -8.83 15.67
C ALA A 192 -3.49 -9.56 15.44
N GLY A 193 -3.04 -9.69 14.21
CA GLY A 193 -1.76 -10.31 13.88
C GLY A 193 -1.85 -11.73 13.36
N GLY A 194 -3.02 -12.16 12.92
CA GLY A 194 -3.22 -13.49 12.39
C GLY A 194 -3.41 -13.49 10.87
N GLN A 195 -3.58 -14.72 10.35
CA GLN A 195 -3.90 -14.93 8.95
C GLN A 195 -4.45 -16.34 8.82
N VAL A 196 -5.35 -16.52 7.85
CA VAL A 196 -6.04 -17.80 7.71
C VAL A 196 -5.11 -18.89 7.18
N LEU A 197 -4.42 -18.59 6.09
CA LEU A 197 -3.51 -19.53 5.45
C LEU A 197 -2.09 -18.98 5.42
N SER A 198 -1.13 -19.88 5.33
CA SER A 198 0.24 -19.50 5.04
C SER A 198 0.30 -18.74 3.71
N ASP A 199 1.42 -18.02 3.54
CA ASP A 199 1.58 -17.19 2.33
C ASP A 199 1.46 -18.01 1.05
N ASP A 200 1.88 -19.27 1.07
CA ASP A 200 1.82 -20.11 -0.13
C ASP A 200 0.49 -20.84 -0.28
N GLY A 201 -0.44 -20.62 0.65
CA GLY A 201 -1.76 -21.18 0.57
C GLY A 201 -1.86 -22.63 0.97
N GLN A 202 -0.78 -23.24 1.44
CA GLN A 202 -0.73 -24.68 1.63
C GLN A 202 -0.94 -25.13 3.08
N ARG A 203 -0.89 -24.24 4.06
CA ARG A 203 -1.05 -24.62 5.46
C ARG A 203 -2.03 -23.68 6.15
N VAL A 204 -2.74 -24.23 7.14
CA VAL A 204 -3.65 -23.45 7.97
C VAL A 204 -2.85 -22.78 9.07
N THR A 205 -3.06 -21.47 9.26
CA THR A 205 -2.30 -20.70 10.22
C THR A 205 -3.18 -20.01 11.26
N LEU A 206 -4.39 -20.52 11.49
CA LEU A 206 -5.26 -19.95 12.51
C LEU A 206 -4.81 -20.28 13.92
N THR A 207 -4.14 -21.43 14.10
CA THR A 207 -3.84 -21.84 15.46
C THR A 207 -2.48 -22.53 15.56
N ASP A 208 -1.61 -22.36 14.56
CA ASP A 208 -0.35 -23.13 14.48
C ASP A 208 0.76 -22.58 15.37
N THR A 209 0.66 -21.37 15.83
CA THR A 209 1.55 -20.76 16.80
C THR A 209 0.73 -20.07 17.87
N PRO A 210 1.32 -19.85 19.06
CA PRO A 210 0.58 -19.12 20.10
C PRO A 210 0.11 -17.75 19.66
N GLU A 211 0.93 -17.01 18.91
CA GLU A 211 0.52 -15.68 18.49
C GLU A 211 -0.61 -15.73 17.47
N HIS A 212 -0.57 -16.70 16.55
CA HIS A 212 -1.67 -16.88 15.61
C HIS A 212 -2.95 -17.30 16.33
N ARG A 213 -2.87 -18.23 17.28
CA ARG A 213 -4.07 -18.62 18.03
C ARG A 213 -4.66 -17.42 18.77
N ALA A 214 -3.82 -16.61 19.39
CA ALA A 214 -4.32 -15.49 20.15
C ALA A 214 -5.03 -14.50 19.24
N ALA A 215 -4.56 -14.35 18.01
CA ALA A 215 -5.24 -13.45 17.08
C ALA A 215 -6.61 -14.00 16.70
N THR A 216 -6.70 -15.31 16.45
CA THR A 216 -7.99 -15.91 16.13
C THR A 216 -8.96 -15.79 17.32
N VAL A 217 -8.47 -16.03 18.53
CA VAL A 217 -9.32 -15.95 19.72
C VAL A 217 -9.83 -14.53 19.92
N LYS A 218 -8.94 -13.54 19.74
CA LYS A 218 -9.34 -12.15 19.91
C LYS A 218 -10.40 -11.73 18.90
N ALA A 219 -10.24 -12.15 17.64
CA ALA A 219 -11.25 -11.84 16.62
C ALA A 219 -12.59 -12.44 16.99
N LEU A 220 -12.58 -13.70 17.44
CA LEU A 220 -13.82 -14.35 17.84
C LEU A 220 -14.42 -13.71 19.08
N GLU A 221 -13.58 -13.25 20.02
CA GLU A 221 -14.08 -12.54 21.18
C GLU A 221 -14.84 -11.29 20.77
N ILE A 222 -14.34 -10.60 19.74
CA ILE A 222 -14.96 -9.35 19.35
C ILE A 222 -16.32 -9.63 18.70
N ILE A 223 -16.37 -10.60 17.79
CA ILE A 223 -17.63 -10.94 17.14
C ILE A 223 -18.65 -11.36 18.18
N LYS A 224 -18.24 -12.24 19.10
CA LYS A 224 -19.12 -12.72 20.17
C LYS A 224 -19.62 -11.58 21.04
N ALA A 225 -18.72 -10.67 21.40
CA ALA A 225 -19.10 -9.57 22.28
C ALA A 225 -20.10 -8.64 21.59
N VAL A 226 -19.89 -8.38 20.29
CA VAL A 226 -20.84 -7.53 19.56
C VAL A 226 -22.20 -8.19 19.49
N ALA A 227 -22.23 -9.50 19.27
CA ALA A 227 -23.47 -10.24 19.09
C ALA A 227 -24.26 -10.36 20.38
N THR A 228 -23.59 -10.33 21.53
CA THR A 228 -24.22 -10.47 22.84
C THR A 228 -24.26 -9.15 23.60
N ALA A 229 -23.98 -8.04 22.94
CA ALA A 229 -23.92 -6.77 23.62
C ALA A 229 -25.33 -6.35 24.08
N PRO A 230 -25.42 -5.57 25.16
CA PRO A 230 -26.75 -5.25 25.71
C PRO A 230 -27.70 -4.59 24.73
N GLY A 231 -27.27 -3.59 23.98
CA GLY A 231 -28.19 -2.97 23.05
C GLY A 231 -28.16 -3.54 21.64
N ALA A 232 -27.73 -4.79 21.49
CA ALA A 232 -27.39 -5.30 20.17
C ALA A 232 -28.63 -5.52 19.29
N ASP A 233 -28.42 -5.48 17.99
CA ASP A 233 -29.45 -5.75 16.98
C ASP A 233 -30.00 -7.14 17.22
N PRO A 234 -31.30 -7.29 17.53
CA PRO A 234 -31.84 -8.64 17.78
C PRO A 234 -31.83 -9.53 16.56
N SER A 235 -31.68 -8.99 15.35
CA SER A 235 -31.58 -9.81 14.15
C SER A 235 -30.14 -9.87 13.62
N ILE A 236 -29.17 -9.75 14.51
CA ILE A 236 -27.78 -9.60 14.07
C ILE A 236 -27.31 -10.85 13.34
N THR A 237 -27.92 -12.01 13.63
CA THR A 237 -27.50 -13.21 12.91
C THR A 237 -27.98 -13.25 11.46
N GLN A 238 -28.73 -12.25 11.01
CA GLN A 238 -29.16 -12.18 9.63
C GLN A 238 -28.75 -10.88 8.94
N THR A 239 -27.63 -10.28 9.36
CA THR A 239 -27.24 -8.96 8.87
C THR A 239 -26.25 -9.04 7.72
N ASP A 240 -26.33 -8.07 6.83
CA ASP A 240 -25.42 -7.96 5.70
C ASP A 240 -25.25 -6.49 5.36
N GLU A 241 -24.61 -6.23 4.21
CA GLU A 241 -24.35 -4.84 3.81
C GLU A 241 -25.64 -4.03 3.85
N ASN A 242 -26.74 -4.62 3.37
CA ASN A 242 -27.95 -3.82 3.21
C ASN A 242 -28.61 -3.54 4.55
N THR A 243 -28.70 -4.54 5.45
CA THR A 243 -29.25 -4.32 6.78
C THR A 243 -28.41 -3.32 7.56
N ALA A 244 -27.10 -3.33 7.36
CA ALA A 244 -26.25 -2.38 8.08
C ALA A 244 -26.49 -0.95 7.58
N ARG A 245 -26.56 -0.77 6.27
CA ARG A 245 -26.88 0.54 5.70
C ARG A 245 -28.22 1.03 6.25
N LEU A 246 -29.24 0.17 6.22
CA LEU A 246 -30.56 0.56 6.70
C LEU A 246 -30.58 0.86 8.19
N ALA A 247 -29.85 0.08 8.99
CA ALA A 247 -29.90 0.26 10.44
C ALA A 247 -29.50 1.68 10.83
N LEU A 248 -28.51 2.24 10.16
CA LEU A 248 -28.13 3.61 10.49
C LEU A 248 -29.10 4.61 9.86
N GLU A 249 -29.48 4.40 8.59
CA GLU A 249 -30.38 5.34 7.93
C GLU A 249 -31.74 5.40 8.64
N GLN A 250 -32.20 4.29 9.20
CA GLN A 250 -33.48 4.22 9.91
C GLN A 250 -33.36 4.57 11.39
N GLY A 251 -32.19 5.00 11.85
CA GLY A 251 -32.03 5.50 13.20
C GLY A 251 -31.93 4.46 14.29
N ARG A 252 -31.67 3.18 13.94
CA ARG A 252 -31.52 2.13 14.94
C ARG A 252 -30.08 1.90 15.37
N ALA A 253 -29.10 2.29 14.56
CA ALA A 253 -27.69 2.16 14.88
C ALA A 253 -27.03 3.53 14.73
N ALA A 254 -26.15 3.85 15.68
CA ALA A 254 -25.29 5.03 15.60
C ALA A 254 -23.87 4.69 15.18
N LEU A 255 -23.57 3.40 15.04
CA LEU A 255 -22.26 2.87 14.68
C LEU A 255 -22.46 1.82 13.60
N GLU A 256 -21.69 1.92 12.52
CA GLU A 256 -21.83 1.02 11.38
C GLU A 256 -20.45 0.82 10.77
N VAL A 257 -20.09 -0.42 10.43
CA VAL A 257 -18.96 -0.68 9.56
C VAL A 257 -19.52 -1.13 8.23
N ASN A 258 -19.08 -0.49 7.15
CA ASN A 258 -19.60 -0.81 5.82
C ASN A 258 -18.71 -0.15 4.77
N TRP A 259 -18.95 -0.54 3.52
CA TRP A 259 -18.16 -0.08 2.43
C TRP A 259 -18.51 1.37 2.06
N PRO A 260 -17.64 2.00 1.27
CA PRO A 260 -17.76 3.46 1.05
C PRO A 260 -19.04 3.92 0.35
N TYR A 261 -19.74 3.05 -0.36
CA TYR A 261 -20.99 3.42 -1.03
C TYR A 261 -22.04 3.96 -0.07
N VAL A 262 -21.87 3.78 1.24
CA VAL A 262 -22.88 4.23 2.21
C VAL A 262 -23.03 5.74 2.23
N LEU A 263 -21.99 6.51 1.87
CA LEU A 263 -22.09 7.93 1.88
C LEU A 263 -23.09 8.46 0.83
N PRO A 264 -22.88 8.18 -0.47
CA PRO A 264 -23.91 8.65 -1.45
C PRO A 264 -25.27 8.07 -1.18
N SER A 265 -25.34 6.85 -0.64
CA SER A 265 -26.64 6.29 -0.30
C SER A 265 -27.33 7.14 0.75
N LEU A 266 -26.60 7.55 1.79
CA LEU A 266 -27.25 8.34 2.82
C LEU A 266 -27.69 9.69 2.26
N LEU A 267 -26.83 10.34 1.46
CA LEU A 267 -27.21 11.65 0.91
C LEU A 267 -28.43 11.53 -0.01
N GLU A 268 -28.43 10.53 -0.88
CA GLU A 268 -29.55 10.32 -1.79
C GLU A 268 -30.84 10.06 -1.03
N ASN A 269 -30.82 9.12 -0.10
CA ASN A 269 -32.05 8.76 0.61
C ASN A 269 -32.50 9.88 1.52
N ALA A 270 -31.57 10.70 2.02
CA ALA A 270 -32.00 11.85 2.83
C ALA A 270 -32.72 12.87 1.96
N ILE A 271 -32.21 13.11 0.76
CA ILE A 271 -32.86 14.04 -0.17
C ILE A 271 -34.23 13.53 -0.57
N LYS A 272 -34.39 12.22 -0.69
CA LYS A 272 -35.67 11.61 -1.02
C LYS A 272 -36.63 11.54 0.17
N GLY A 273 -36.21 11.95 1.36
CA GLY A 273 -37.07 11.93 2.52
C GLY A 273 -37.01 10.67 3.37
N GLY A 274 -36.05 9.78 3.12
CA GLY A 274 -35.98 8.54 3.85
C GLY A 274 -35.11 8.52 5.09
N VAL A 275 -34.55 9.65 5.51
CA VAL A 275 -33.65 9.71 6.65
C VAL A 275 -34.22 10.72 7.64
N GLY A 276 -34.85 10.24 8.70
CA GLY A 276 -35.55 11.13 9.61
C GLY A 276 -34.68 12.22 10.18
N PHE A 277 -33.47 11.88 10.59
CA PHE A 277 -32.59 12.85 11.25
C PHE A 277 -31.81 13.72 10.27
N LEU A 278 -32.09 13.63 8.97
CA LEU A 278 -31.43 14.45 7.96
C LEU A 278 -32.45 14.78 6.87
N PRO A 279 -33.39 15.70 7.17
CA PRO A 279 -34.50 15.98 6.24
C PRO A 279 -34.09 16.87 5.07
N LEU A 280 -33.11 16.42 4.31
CA LEU A 280 -32.65 17.18 3.14
C LEU A 280 -33.77 17.37 2.11
N ASN A 281 -34.82 16.57 2.19
CA ASN A 281 -35.96 16.76 1.29
C ASN A 281 -36.61 18.13 1.49
N GLU A 282 -36.41 18.73 2.66
CA GLU A 282 -37.01 20.03 2.95
C GLU A 282 -36.18 21.19 2.45
N ASN A 283 -35.06 20.92 1.77
CA ASN A 283 -34.15 22.00 1.41
C ASN A 283 -34.36 22.33 -0.06
N PRO A 284 -34.85 23.54 -0.38
CA PRO A 284 -35.18 23.83 -1.79
C PRO A 284 -33.97 23.87 -2.69
N ALA A 285 -32.80 24.22 -2.17
CA ALA A 285 -31.61 24.29 -3.01
C ALA A 285 -31.18 22.93 -3.55
N LEU A 286 -31.69 21.83 -3.00
CA LEU A 286 -31.34 20.50 -3.49
C LEU A 286 -32.41 19.91 -4.40
N ARG A 287 -33.50 20.63 -4.67
CA ARG A 287 -34.44 20.15 -5.68
C ARG A 287 -33.69 19.97 -7.01
N GLY A 288 -33.91 18.82 -7.64
CA GLY A 288 -33.21 18.51 -8.85
C GLY A 288 -31.89 17.81 -8.67
N SER A 289 -31.46 17.56 -7.43
CA SER A 289 -30.19 16.87 -7.24
C SER A 289 -30.32 15.39 -7.57
N ILE A 290 -31.55 14.85 -7.63
CA ILE A 290 -31.78 13.51 -8.14
C ILE A 290 -32.13 13.62 -9.62
N ASN A 291 -31.44 12.84 -10.46
CA ASN A 291 -31.63 12.99 -11.90
C ASN A 291 -32.81 12.16 -12.39
N ASP A 292 -32.99 12.16 -13.72
CA ASP A 292 -34.19 11.62 -14.37
C ASP A 292 -34.36 10.12 -14.15
N VAL A 293 -33.31 9.40 -13.76
CA VAL A 293 -33.42 7.96 -13.54
C VAL A 293 -33.22 7.61 -12.06
N GLY A 294 -33.27 8.60 -11.19
CA GLY A 294 -33.29 8.34 -9.76
C GLY A 294 -31.95 8.38 -9.08
N THR A 295 -30.88 8.65 -9.82
CA THR A 295 -29.55 8.62 -9.24
C THR A 295 -29.18 9.99 -8.68
N PHE A 296 -28.59 10.00 -7.50
CA PHE A 296 -28.06 11.22 -6.91
C PHE A 296 -26.91 11.71 -7.79
N ALA A 297 -27.12 12.86 -8.44
CA ALA A 297 -26.14 13.44 -9.36
C ALA A 297 -26.27 14.95 -9.31
N PRO A 298 -25.81 15.58 -8.24
CA PRO A 298 -26.06 17.01 -8.04
C PRO A 298 -25.03 17.90 -8.73
N THR A 299 -25.34 19.19 -8.80
CA THR A 299 -24.32 20.17 -9.10
C THR A 299 -23.23 20.16 -8.01
N ASP A 300 -22.08 20.75 -8.34
CA ASP A 300 -21.02 20.91 -7.36
C ASP A 300 -21.52 21.64 -6.12
N GLU A 301 -22.28 22.73 -6.30
CA GLU A 301 -22.81 23.46 -5.16
C GLU A 301 -23.77 22.60 -4.34
N GLN A 302 -24.63 21.83 -5.01
CA GLN A 302 -25.59 21.01 -4.29
C GLN A 302 -24.90 19.88 -3.52
N PHE A 303 -23.84 19.30 -4.10
CA PHE A 303 -23.14 18.24 -3.38
C PHE A 303 -22.51 18.80 -2.11
N ASP A 304 -21.83 19.93 -2.23
CA ASP A 304 -21.22 20.55 -1.08
C ASP A 304 -22.26 20.85 -0.02
N LEU A 305 -23.42 21.36 -0.42
CA LEU A 305 -24.43 21.70 0.56
C LEU A 305 -24.99 20.47 1.26
N ALA A 306 -25.24 19.40 0.51
CA ALA A 306 -25.75 18.17 1.09
C ALA A 306 -24.71 17.48 1.97
N LEU A 307 -23.47 17.40 1.50
CA LEU A 307 -22.42 16.81 2.32
C LEU A 307 -22.24 17.61 3.60
N ASN A 308 -22.22 18.95 3.49
CA ASN A 308 -21.97 19.76 4.68
C ASN A 308 -23.08 19.61 5.71
N ALA A 309 -24.34 19.56 5.24
CA ALA A 309 -25.45 19.34 6.15
C ALA A 309 -25.34 17.98 6.86
N SER A 310 -24.87 16.97 6.13
CA SER A 310 -24.76 15.64 6.71
C SER A 310 -23.77 15.64 7.86
N LYS A 311 -22.78 16.53 7.81
CA LYS A 311 -21.72 16.51 8.82
C LYS A 311 -22.26 16.81 10.20
N GLU A 312 -23.43 17.45 10.28
CA GLU A 312 -24.03 17.66 11.59
C GLU A 312 -24.42 16.36 12.26
N VAL A 313 -24.74 15.31 11.50
CA VAL A 313 -25.33 14.10 12.06
C VAL A 313 -24.63 12.82 11.60
N PHE A 314 -23.54 12.92 10.84
CA PHE A 314 -23.00 11.74 10.15
C PHE A 314 -21.55 11.98 9.86
N GLY A 315 -20.70 11.02 10.23
CA GLY A 315 -19.30 11.10 9.88
C GLY A 315 -18.75 9.73 9.59
N PHE A 316 -17.54 9.75 9.00
CA PHE A 316 -16.82 8.51 8.75
C PHE A 316 -15.41 8.62 9.30
N ALA A 317 -14.83 7.46 9.61
CA ALA A 317 -13.55 7.38 10.28
C ALA A 317 -12.92 6.05 9.91
N ARG A 318 -11.68 5.87 10.34
CA ARG A 318 -11.01 4.59 10.14
C ARG A 318 -11.79 3.46 10.80
N TYR A 319 -11.82 2.31 10.11
CA TYR A 319 -12.32 1.10 10.71
C TYR A 319 -11.63 0.88 12.05
N PRO A 320 -12.36 0.50 13.10
CA PRO A 320 -11.71 0.43 14.43
C PRO A 320 -10.75 -0.72 14.55
N GLY A 321 -9.63 -0.49 15.26
CA GLY A 321 -8.64 -1.54 15.48
C GLY A 321 -9.01 -2.41 16.66
N VAL A 322 -8.20 -3.45 16.88
CA VAL A 322 -8.51 -4.39 17.95
C VAL A 322 -7.81 -4.05 19.27
N ARG A 323 -6.73 -3.27 19.22
CA ARG A 323 -6.02 -2.80 20.39
C ARG A 323 -5.63 -1.33 20.19
N PRO A 324 -5.34 -0.62 21.27
CA PRO A 324 -4.99 0.79 21.13
C PRO A 324 -3.72 0.99 20.33
N ASP A 325 -3.71 2.06 19.54
CA ASP A 325 -2.52 2.48 18.80
C ASP A 325 -2.04 1.41 17.81
N GLU A 326 -2.95 0.60 17.27
CA GLU A 326 -2.66 -0.40 16.24
C GLU A 326 -3.75 -0.23 15.19
N PRO A 327 -3.47 0.53 14.12
CA PRO A 327 -4.47 0.72 13.06
C PRO A 327 -4.95 -0.61 12.51
N ALA A 328 -6.25 -0.70 12.24
CA ALA A 328 -6.80 -1.93 11.68
C ALA A 328 -6.19 -2.26 10.34
N ARG A 329 -6.09 -3.55 10.06
CA ARG A 329 -5.76 -4.09 8.75
C ARG A 329 -7.08 -4.53 8.14
N VAL A 330 -7.57 -3.79 7.15
CA VAL A 330 -8.95 -3.93 6.70
C VAL A 330 -9.00 -4.70 5.39
N THR A 331 -9.88 -5.69 5.33
CA THR A 331 -9.89 -6.64 4.24
C THR A 331 -10.29 -5.97 2.94
N LEU A 332 -9.48 -6.20 1.90
CA LEU A 332 -9.77 -5.67 0.58
C LEU A 332 -10.97 -6.37 -0.03
N GLY A 333 -11.85 -5.57 -0.66
CA GLY A 333 -12.95 -6.08 -1.47
C GLY A 333 -12.86 -5.51 -2.89
N GLY A 334 -13.89 -5.69 -3.67
CA GLY A 334 -13.91 -5.01 -4.96
C GLY A 334 -14.38 -5.93 -6.07
N LEU A 335 -14.08 -5.50 -7.29
CA LEU A 335 -14.49 -6.20 -8.51
C LEU A 335 -13.34 -6.17 -9.50
N ASN A 336 -13.08 -7.32 -10.12
CA ASN A 336 -12.10 -7.42 -11.20
C ASN A 336 -12.81 -7.96 -12.44
N LEU A 337 -12.59 -7.31 -13.59
CA LEU A 337 -13.26 -7.70 -14.83
C LEU A 337 -12.50 -8.82 -15.52
N ALA A 338 -13.19 -9.92 -15.78
CA ALA A 338 -12.63 -11.06 -16.48
C ALA A 338 -13.41 -11.29 -17.78
N VAL A 339 -12.69 -11.74 -18.80
CA VAL A 339 -13.32 -12.18 -20.04
C VAL A 339 -13.63 -13.65 -19.89
N ALA A 340 -14.90 -14.03 -20.07
CA ALA A 340 -15.29 -15.42 -19.92
C ALA A 340 -14.83 -16.27 -21.11
N SER A 341 -14.40 -17.49 -20.80
CA SER A 341 -13.92 -18.41 -21.85
C SER A 341 -15.04 -18.76 -22.83
N THR A 342 -16.29 -18.49 -22.46
CA THR A 342 -17.44 -18.73 -23.34
C THR A 342 -17.56 -17.73 -24.47
N THR A 343 -16.84 -16.62 -24.45
CA THR A 343 -17.14 -15.52 -25.36
C THR A 343 -16.91 -15.97 -26.79
N ARG A 344 -17.74 -15.49 -27.70
CA ARG A 344 -17.51 -15.65 -29.13
C ARG A 344 -16.66 -14.53 -29.71
N HIS A 345 -16.42 -13.45 -28.95
CA HIS A 345 -15.79 -12.25 -29.46
C HIS A 345 -14.69 -11.80 -28.49
N LYS A 346 -13.58 -12.54 -28.46
CA LYS A 346 -12.50 -12.20 -27.53
C LYS A 346 -12.01 -10.76 -27.72
N ALA A 347 -11.79 -10.34 -28.96
CA ALA A 347 -11.18 -9.03 -29.18
C ALA A 347 -12.04 -7.91 -28.59
N GLU A 348 -13.35 -7.95 -28.87
CA GLU A 348 -14.26 -6.94 -28.38
C GLU A 348 -14.48 -7.05 -26.86
N ALA A 349 -14.48 -8.27 -26.32
CA ALA A 349 -14.63 -8.42 -24.86
C ALA A 349 -13.49 -7.72 -24.12
N PHE A 350 -12.25 -7.99 -24.54
CA PHE A 350 -11.10 -7.35 -23.92
C PHE A 350 -11.12 -5.85 -24.16
N GLU A 351 -11.56 -5.42 -25.34
CA GLU A 351 -11.65 -3.98 -25.56
C GLU A 351 -12.71 -3.36 -24.67
N ALA A 352 -13.80 -4.08 -24.44
CA ALA A 352 -14.84 -3.59 -23.54
C ALA A 352 -14.29 -3.40 -22.14
N VAL A 353 -13.52 -4.37 -21.65
CA VAL A 353 -12.92 -4.26 -20.33
C VAL A 353 -12.12 -2.96 -20.19
N ARG A 354 -11.29 -2.63 -21.19
CA ARG A 354 -10.48 -1.41 -21.10
C ARG A 354 -11.36 -0.17 -21.05
N CYS A 355 -12.40 -0.12 -21.87
CA CYS A 355 -13.28 1.05 -21.86
C CYS A 355 -13.98 1.19 -20.51
N LEU A 356 -14.50 0.08 -20.01
CA LEU A 356 -15.32 0.14 -18.81
C LEU A 356 -14.53 0.70 -17.64
N ARG A 357 -13.22 0.47 -17.61
CA ARG A 357 -12.35 0.92 -16.52
C ARG A 357 -11.47 2.13 -16.89
N ASN A 358 -11.84 2.91 -17.92
CA ASN A 358 -11.02 4.07 -18.23
C ASN A 358 -11.25 5.18 -17.19
N GLU A 359 -10.31 6.10 -17.18
CA GLU A 359 -10.16 7.03 -16.06
C GLU A 359 -11.42 7.85 -15.84
N GLU A 360 -12.10 8.27 -16.92
CA GLU A 360 -13.31 9.05 -16.71
C GLU A 360 -14.48 8.20 -16.25
N ASN A 361 -14.55 6.95 -16.68
CA ASN A 361 -15.56 6.04 -16.17
C ASN A 361 -15.29 5.68 -14.69
N GLN A 362 -14.02 5.63 -14.29
CA GLN A 362 -13.66 5.43 -12.89
C GLN A 362 -14.11 6.60 -12.04
N ARG A 363 -13.92 7.81 -12.54
CA ARG A 363 -14.36 9.01 -11.85
C ARG A 363 -15.85 8.90 -11.52
N LEU A 364 -16.67 8.56 -12.52
CA LEU A 364 -18.11 8.42 -12.31
C LEU A 364 -18.42 7.27 -11.39
N THR A 365 -17.71 6.15 -11.55
CA THR A 365 -17.98 4.97 -10.76
C THR A 365 -17.89 5.29 -9.27
N SER A 366 -16.87 6.07 -8.88
CA SER A 366 -16.72 6.39 -7.45
C SER A 366 -17.68 7.50 -7.02
N ILE A 367 -17.74 8.59 -7.80
CA ILE A 367 -18.51 9.76 -7.38
C ILE A 367 -20.00 9.46 -7.38
N GLU A 368 -20.49 8.73 -8.38
CA GLU A 368 -21.91 8.42 -8.40
C GLU A 368 -22.23 7.09 -7.73
N GLY A 369 -21.40 6.07 -7.93
CA GLY A 369 -21.69 4.76 -7.39
C GLY A 369 -21.20 4.51 -5.97
N GLY A 370 -20.25 5.32 -5.51
CA GLY A 370 -19.61 5.10 -4.23
C GLY A 370 -18.47 4.10 -4.22
N LEU A 371 -18.25 3.40 -5.33
CA LEU A 371 -17.25 2.31 -5.34
C LEU A 371 -15.86 2.86 -5.59
N PRO A 372 -14.88 2.50 -4.75
CA PRO A 372 -13.54 3.07 -4.88
C PRO A 372 -12.88 2.70 -6.19
N ALA A 373 -12.37 3.71 -6.86
CA ALA A 373 -11.64 3.53 -8.10
C ALA A 373 -10.32 2.79 -7.85
N VAL A 374 -9.81 2.15 -8.91
CA VAL A 374 -8.47 1.55 -8.84
C VAL A 374 -7.43 2.39 -9.59
N ARG A 375 -7.84 3.42 -10.30
CA ARG A 375 -6.90 4.27 -11.01
C ARG A 375 -6.16 5.14 -10.01
N THR A 376 -4.86 4.88 -9.83
CA THR A 376 -4.08 5.53 -8.80
C THR A 376 -4.13 7.04 -8.89
N SER A 377 -4.14 7.57 -10.11
CA SER A 377 -4.10 9.02 -10.32
C SER A 377 -5.25 9.75 -9.65
N LEU A 378 -6.43 9.11 -9.56
CA LEU A 378 -7.60 9.80 -9.04
C LEU A 378 -7.43 10.18 -7.58
N TYR A 379 -6.65 9.41 -6.79
CA TYR A 379 -6.51 9.72 -5.36
C TYR A 379 -5.69 10.96 -5.12
N ASP A 380 -5.04 11.49 -6.17
CA ASP A 380 -4.35 12.77 -6.11
C ASP A 380 -5.06 13.89 -6.87
N ASP A 381 -6.23 13.63 -7.44
CA ASP A 381 -6.94 14.58 -8.31
C ASP A 381 -7.83 15.48 -7.45
N PRO A 382 -7.66 16.80 -7.49
CA PRO A 382 -8.45 17.65 -6.59
C PRO A 382 -9.94 17.55 -6.81
N GLN A 383 -10.39 17.42 -8.05
CA GLN A 383 -11.82 17.29 -8.31
C GLN A 383 -12.35 15.99 -7.77
N PHE A 384 -11.58 14.91 -7.89
CA PHE A 384 -11.99 13.63 -7.31
C PHE A 384 -12.03 13.71 -5.80
N GLN A 385 -11.00 14.29 -5.19
CA GLN A 385 -10.96 14.38 -3.74
C GLN A 385 -12.15 15.15 -3.18
N ALA A 386 -12.62 16.15 -3.91
CA ALA A 386 -13.70 16.98 -3.40
C ALA A 386 -15.04 16.26 -3.45
N LYS A 387 -15.28 15.50 -4.50
CA LYS A 387 -16.57 14.84 -4.67
C LYS A 387 -16.58 13.40 -4.19
N TYR A 388 -15.43 12.86 -3.80
CA TYR A 388 -15.29 11.52 -3.25
C TYR A 388 -14.48 11.64 -1.97
N PRO A 389 -15.05 12.28 -0.94
CA PRO A 389 -14.25 12.62 0.25
C PRO A 389 -13.75 11.40 1.02
N GLN A 390 -14.29 10.21 0.76
CA GLN A 390 -13.80 8.96 1.34
C GLN A 390 -12.38 8.62 0.89
N TYR A 391 -11.86 9.31 -0.13
CA TYR A 391 -10.61 8.89 -0.77
C TYR A 391 -9.46 8.79 0.24
N GLU A 392 -9.41 9.70 1.22
CA GLU A 392 -8.19 9.79 2.03
C GLU A 392 -8.12 8.64 3.03
N ILE A 393 -9.25 8.29 3.64
CA ILE A 393 -9.26 7.14 4.56
C ILE A 393 -9.10 5.86 3.78
N ILE A 394 -9.64 5.81 2.56
CA ILE A 394 -9.43 4.63 1.71
C ILE A 394 -7.95 4.45 1.47
N ARG A 395 -7.28 5.52 1.06
CA ARG A 395 -5.84 5.43 0.80
C ARG A 395 -5.07 5.00 2.04
N ASP A 396 -5.42 5.58 3.18
CA ASP A 396 -4.77 5.25 4.44
C ASP A 396 -4.93 3.78 4.77
N GLN A 397 -6.12 3.20 4.52
CA GLN A 397 -6.34 1.79 4.81
C GLN A 397 -5.75 0.88 3.75
N LEU A 398 -5.54 1.36 2.53
CA LEU A 398 -4.90 0.50 1.54
C LEU A 398 -3.44 0.25 1.90
N ILE A 399 -2.79 1.15 2.64
CA ILE A 399 -1.37 0.98 2.91
C ILE A 399 -1.10 -0.21 3.80
N ASN A 400 -2.05 -0.60 4.64
CA ASN A 400 -1.84 -1.77 5.48
C ASN A 400 -2.99 -2.76 5.35
N ALA A 401 -3.58 -2.84 4.16
CA ALA A 401 -4.74 -3.69 3.94
C ALA A 401 -4.49 -5.15 4.26
N ALA A 402 -5.57 -5.81 4.70
CA ALA A 402 -5.65 -7.26 4.80
C ALA A 402 -6.21 -7.78 3.49
N VAL A 403 -5.86 -9.02 3.15
CA VAL A 403 -6.33 -9.65 1.94
C VAL A 403 -6.72 -11.08 2.28
N ARG A 404 -7.94 -11.47 1.92
CA ARG A 404 -8.33 -12.85 2.00
C ARG A 404 -7.38 -13.69 1.17
N PRO A 405 -7.14 -14.94 1.55
CA PRO A 405 -6.21 -15.79 0.79
C PRO A 405 -6.69 -16.05 -0.62
N ALA A 406 -5.72 -16.12 -1.54
CA ALA A 406 -5.95 -16.52 -2.93
C ALA A 406 -5.76 -18.04 -3.02
N THR A 407 -6.84 -18.76 -3.25
CA THR A 407 -6.80 -20.23 -3.33
C THR A 407 -7.95 -20.73 -4.18
N PRO A 408 -7.71 -21.76 -5.01
CA PRO A 408 -8.80 -22.22 -5.88
C PRO A 408 -9.91 -22.94 -5.14
N VAL A 409 -9.73 -23.22 -3.85
CA VAL A 409 -10.79 -23.76 -3.04
C VAL A 409 -11.46 -22.66 -2.20
N TYR A 410 -11.40 -21.41 -2.65
CA TYR A 410 -11.82 -20.33 -1.77
C TYR A 410 -13.28 -20.49 -1.38
N GLN A 411 -14.18 -20.64 -2.37
CA GLN A 411 -15.60 -20.71 -2.05
C GLN A 411 -15.89 -21.84 -1.06
N ALA A 412 -15.25 -22.97 -1.25
CA ALA A 412 -15.47 -24.09 -0.34
C ALA A 412 -14.98 -23.77 1.07
N MET A 413 -13.81 -23.13 1.17
CA MET A 413 -13.25 -22.77 2.47
C MET A 413 -14.14 -21.74 3.15
N SER A 414 -14.60 -20.75 2.40
CA SER A 414 -15.44 -19.69 2.98
C SER A 414 -16.77 -20.24 3.49
N THR A 415 -17.40 -21.14 2.72
CA THR A 415 -18.67 -21.70 3.17
C THR A 415 -18.50 -22.44 4.49
N ARG A 416 -17.42 -23.22 4.63
CA ARG A 416 -17.18 -23.89 5.89
C ARG A 416 -16.92 -22.89 7.00
N MET A 417 -16.21 -21.79 6.69
CA MET A 417 -15.92 -20.82 7.75
C MET A 417 -17.16 -20.14 8.24
N SER A 418 -18.02 -19.67 7.33
CA SER A 418 -19.22 -19.00 7.81
C SER A 418 -20.16 -19.99 8.50
N ALA A 419 -20.17 -21.25 8.06
CA ALA A 419 -20.98 -22.26 8.74
C ALA A 419 -20.44 -22.55 10.14
N THR A 420 -19.16 -22.30 10.38
CA THR A 420 -18.59 -22.49 11.71
C THR A 420 -18.80 -21.24 12.56
N LEU A 421 -18.66 -20.06 11.97
CA LEU A 421 -18.82 -18.81 12.71
C LEU A 421 -20.27 -18.56 13.09
N ALA A 422 -21.21 -18.91 12.25
CA ALA A 422 -22.61 -18.63 12.51
C ALA A 422 -23.28 -19.81 13.20
N PRO A 423 -24.27 -19.55 14.07
CA PRO A 423 -24.70 -18.21 14.47
C PRO A 423 -23.67 -17.55 15.37
N ILE A 424 -23.43 -16.26 15.16
CA ILE A 424 -22.33 -15.60 15.86
C ILE A 424 -22.61 -15.49 17.36
N SER A 425 -23.88 -15.58 17.74
CA SER A 425 -24.29 -15.57 19.14
C SER A 425 -23.77 -16.77 19.92
N GLN A 426 -23.41 -17.84 19.24
CA GLN A 426 -22.99 -19.07 19.87
C GLN A 426 -21.51 -19.36 19.69
N ILE A 427 -20.76 -18.42 19.12
CA ILE A 427 -19.32 -18.57 19.09
C ILE A 427 -18.75 -18.78 20.49
N ASP A 428 -17.84 -19.74 20.59
CA ASP A 428 -16.99 -19.88 21.77
C ASP A 428 -15.54 -19.65 21.33
N PRO A 429 -14.89 -18.56 21.73
CA PRO A 429 -13.63 -18.20 21.06
C PRO A 429 -12.60 -19.32 21.02
N GLU A 430 -12.33 -20.00 22.13
CA GLU A 430 -11.29 -21.04 22.08
C GLU A 430 -11.73 -22.24 21.27
N ARG A 431 -12.96 -22.74 21.46
CA ARG A 431 -13.35 -23.95 20.73
C ARG A 431 -13.63 -23.65 19.27
N THR A 432 -14.29 -22.53 18.97
CA THR A 432 -14.52 -22.17 17.59
C THR A 432 -13.21 -21.94 16.84
N ALA A 433 -12.18 -21.45 17.54
CA ALA A 433 -10.88 -21.28 16.88
C ALA A 433 -10.38 -22.61 16.35
N ASP A 434 -10.47 -23.66 17.18
CA ASP A 434 -10.02 -24.98 16.75
C ASP A 434 -10.94 -25.59 15.70
N GLU A 435 -12.27 -25.37 15.81
CA GLU A 435 -13.15 -25.89 14.76
C GLU A 435 -12.90 -25.17 13.44
N LEU A 436 -12.62 -23.86 13.48
CA LEU A 436 -12.32 -23.15 12.26
C LEU A 436 -11.07 -23.71 11.59
N ALA A 437 -10.03 -23.95 12.39
CA ALA A 437 -8.79 -24.45 11.84
C ALA A 437 -9.00 -25.81 11.19
N GLU A 438 -9.81 -26.65 11.81
CA GLU A 438 -10.06 -27.98 11.26
C GLU A 438 -10.90 -27.92 9.99
N GLN A 439 -11.92 -27.05 9.97
CA GLN A 439 -12.74 -26.87 8.77
C GLN A 439 -11.93 -26.30 7.60
N VAL A 440 -11.05 -25.33 7.86
CA VAL A 440 -10.21 -24.80 6.79
C VAL A 440 -9.25 -25.87 6.26
N GLN A 441 -8.66 -26.65 7.17
CA GLN A 441 -7.81 -27.77 6.75
C GLN A 441 -8.53 -28.74 5.82
N GLN A 442 -9.76 -29.09 6.13
CA GLN A 442 -10.52 -29.98 5.26
C GLN A 442 -10.71 -29.35 3.89
N ALA A 443 -10.90 -28.03 3.85
CA ALA A 443 -11.08 -27.34 2.58
C ALA A 443 -9.83 -27.41 1.72
N ILE A 444 -8.66 -27.10 2.29
CA ILE A 444 -7.49 -27.04 1.44
C ILE A 444 -7.03 -28.46 1.12
N ASP A 445 -7.45 -29.44 1.93
CA ASP A 445 -7.17 -30.85 1.66
C ASP A 445 -7.98 -31.40 0.48
N GLY A 446 -9.02 -30.68 0.06
CA GLY A 446 -9.81 -31.07 -1.09
C GLY A 446 -11.10 -31.80 -0.78
N LYS A 447 -11.49 -31.89 0.50
CA LYS A 447 -12.70 -32.63 0.85
C LYS A 447 -13.95 -31.93 0.31
N GLY A 448 -13.95 -30.60 0.23
CA GLY A 448 -15.03 -29.88 -0.42
C GLY A 448 -16.21 -29.54 0.46
N GLY B 14 31.55 -7.15 32.75
CA GLY B 14 31.28 -8.48 32.23
C GLY B 14 29.85 -8.71 31.71
N GLU B 15 29.11 -7.64 31.45
CA GLU B 15 27.74 -7.79 30.98
C GLU B 15 27.73 -8.09 29.47
N ILE B 16 26.64 -8.73 29.03
CA ILE B 16 26.47 -9.07 27.62
C ILE B 16 26.40 -7.79 26.81
N VAL B 17 27.14 -7.76 25.70
CA VAL B 17 27.14 -6.64 24.76
C VAL B 17 26.56 -7.16 23.46
N ILE B 18 25.45 -6.56 23.02
CA ILE B 18 24.83 -6.91 21.74
C ILE B 18 25.30 -5.90 20.70
N SER B 19 26.03 -6.38 19.69
CA SER B 19 26.48 -5.53 18.61
C SER B 19 25.30 -5.26 17.66
N TYR B 20 25.21 -4.03 17.15
CA TYR B 20 24.08 -3.57 16.30
C TYR B 20 24.68 -2.83 15.11
N TYR B 21 24.89 -3.56 14.01
CA TYR B 21 25.53 -2.97 12.85
C TYR B 21 24.53 -2.23 11.97
N THR B 22 24.84 -1.00 11.65
CA THR B 22 24.05 -0.19 10.75
C THR B 22 24.94 0.68 9.90
N PRO B 23 24.43 1.20 8.80
CA PRO B 23 25.23 2.11 7.98
C PRO B 23 25.69 3.31 8.78
N ALA B 24 26.89 3.82 8.42
CA ALA B 24 27.42 5.00 9.09
C ALA B 24 26.53 6.22 8.86
N ASN B 25 25.76 6.22 7.78
CA ASN B 25 24.90 7.36 7.45
C ASN B 25 23.98 7.72 8.61
N GLU B 26 23.56 6.74 9.39
CA GLU B 26 22.63 6.98 10.47
C GLU B 26 23.22 6.58 11.82
N ALA B 27 24.55 6.66 11.92
CA ALA B 27 25.20 6.22 13.16
C ALA B 27 24.73 7.03 14.37
N ALA B 28 24.65 8.34 14.21
CA ALA B 28 24.26 9.19 15.34
C ALA B 28 22.85 8.86 15.81
N THR B 29 21.92 8.69 14.88
CA THR B 29 20.53 8.39 15.25
C THR B 29 20.45 7.02 15.94
N PHE B 30 21.09 6.00 15.36
CA PHE B 30 20.93 4.68 15.95
C PHE B 30 21.80 4.48 17.19
N THR B 31 22.87 5.26 17.36
CA THR B 31 23.54 5.31 18.66
C THR B 31 22.60 5.88 19.72
N ALA B 32 21.85 6.92 19.38
CA ALA B 32 20.91 7.47 20.34
C ALA B 32 19.80 6.48 20.65
N VAL B 33 19.28 5.80 19.63
CA VAL B 33 18.27 4.78 19.88
C VAL B 33 18.83 3.69 20.80
N ALA B 34 20.03 3.22 20.51
CA ALA B 34 20.64 2.16 21.30
C ALA B 34 20.80 2.60 22.76
N GLN B 35 21.20 3.85 22.98
CA GLN B 35 21.37 4.34 24.35
C GLN B 35 20.04 4.42 25.08
N ARG B 36 18.98 4.89 24.41
CA ARG B 36 17.65 4.82 25.01
C ARG B 36 17.32 3.39 25.43
N CYS B 37 17.53 2.43 24.52
CA CYS B 37 17.29 1.04 24.87
C CYS B 37 18.08 0.63 26.10
N ASN B 38 19.34 1.07 26.18
CA ASN B 38 20.20 0.60 27.26
C ASN B 38 19.64 1.02 28.61
N ALA B 39 19.07 2.23 28.66
CA ALA B 39 18.34 2.67 29.83
C ALA B 39 17.10 1.82 30.09
N GLU B 40 16.33 1.52 29.04
CA GLU B 40 15.11 0.74 29.22
C GLU B 40 15.39 -0.70 29.63
N LEU B 41 16.61 -1.20 29.39
CA LEU B 41 16.94 -2.60 29.63
C LEU B 41 17.42 -2.87 31.05
N GLY B 42 17.70 -1.83 31.82
CA GLY B 42 18.05 -1.99 33.21
C GLY B 42 19.26 -2.85 33.50
N GLY B 43 20.34 -2.61 32.77
CA GLY B 43 21.60 -3.27 33.01
C GLY B 43 21.66 -4.75 32.71
N ARG B 44 20.55 -5.37 32.27
CA ARG B 44 20.60 -6.79 31.93
C ARG B 44 21.55 -7.08 30.79
N PHE B 45 21.59 -6.19 29.80
CA PHE B 45 22.62 -6.24 28.75
C PHE B 45 22.66 -4.84 28.13
N ARG B 46 23.62 -4.67 27.21
CA ARG B 46 23.98 -3.39 26.59
C ARG B 46 24.02 -3.57 25.08
N ILE B 47 23.54 -2.57 24.35
CA ILE B 47 23.56 -2.57 22.88
C ILE B 47 24.54 -1.50 22.43
N GLU B 48 25.39 -1.84 21.45
CA GLU B 48 26.32 -0.87 20.89
C GLU B 48 26.17 -0.83 19.38
N GLN B 49 25.78 0.33 18.86
CA GLN B 49 25.74 0.54 17.43
C GLN B 49 27.15 0.50 16.87
N ARG B 50 27.30 -0.17 15.74
CA ARG B 50 28.57 -0.32 15.05
C ARG B 50 28.36 0.06 13.60
N SER B 51 29.18 0.97 13.08
CA SER B 51 28.92 1.56 11.77
C SER B 51 29.50 0.76 10.60
N LEU B 52 28.65 0.41 9.65
CA LEU B 52 29.07 -0.10 8.36
C LEU B 52 29.34 1.05 7.43
N PRO B 53 29.90 0.78 6.25
CA PRO B 53 30.24 1.85 5.31
C PRO B 53 29.00 2.56 4.77
N ARG B 54 29.26 3.65 4.02
CA ARG B 54 28.19 4.50 3.53
C ARG B 54 27.35 3.86 2.43
N GLU B 55 27.95 3.01 1.61
CA GLU B 55 27.30 2.51 0.41
C GLU B 55 26.85 1.06 0.58
N ALA B 56 25.71 0.75 -0.05
CA ALA B 56 25.06 -0.54 0.14
C ALA B 56 26.03 -1.70 -0.12
N ASP B 57 26.88 -1.57 -1.15
CA ASP B 57 27.80 -2.65 -1.51
C ASP B 57 28.75 -2.99 -0.39
N ALA B 58 29.40 -1.96 0.18
CA ALA B 58 30.38 -2.16 1.23
C ALA B 58 29.71 -2.60 2.52
N GLN B 59 28.45 -2.21 2.73
CA GLN B 59 27.71 -2.67 3.91
C GLN B 59 27.57 -4.19 3.86
N ARG B 60 27.08 -4.70 2.73
CA ARG B 60 26.84 -6.12 2.60
C ARG B 60 28.14 -6.91 2.73
N LEU B 61 29.21 -6.39 2.13
CA LEU B 61 30.47 -7.11 2.10
C LEU B 61 31.06 -7.27 3.49
N GLN B 62 31.01 -6.21 4.32
CA GLN B 62 31.54 -6.35 5.66
C GLN B 62 30.70 -7.31 6.48
N LEU B 63 29.36 -7.26 6.34
CA LEU B 63 28.54 -8.22 7.05
C LEU B 63 28.90 -9.64 6.62
N ALA B 64 28.97 -9.88 5.31
CA ALA B 64 29.23 -11.24 4.83
C ALA B 64 30.59 -11.75 5.29
N ARG B 65 31.59 -10.87 5.40
CA ARG B 65 32.90 -11.27 5.92
C ARG B 65 32.82 -11.70 7.37
N ARG B 66 32.09 -10.93 8.18
CA ARG B 66 31.92 -11.29 9.58
C ARG B 66 31.14 -12.59 9.70
N LEU B 67 30.17 -12.80 8.80
CA LEU B 67 29.37 -14.02 8.84
C LEU B 67 30.20 -15.22 8.40
N THR B 68 30.87 -15.13 7.25
CA THR B 68 31.63 -16.30 6.78
C THR B 68 32.87 -16.52 7.65
N GLY B 69 33.40 -15.45 8.24
CA GLY B 69 34.51 -15.57 9.21
C GLY B 69 34.08 -16.06 10.58
N ASN B 70 32.78 -16.22 10.83
CA ASN B 70 32.22 -16.68 12.10
C ASN B 70 32.71 -15.79 13.26
N ASP B 71 32.48 -14.49 13.10
CA ASP B 71 32.64 -13.48 14.14
C ASP B 71 31.55 -13.70 15.17
N ARG B 72 31.89 -14.37 16.27
CA ARG B 72 30.88 -14.72 17.26
C ARG B 72 30.38 -13.51 18.06
N SER B 73 30.97 -12.35 17.84
CA SER B 73 30.48 -11.14 18.45
C SER B 73 29.45 -10.41 17.62
N LEU B 74 29.13 -10.91 16.42
CA LEU B 74 28.12 -10.31 15.56
C LEU B 74 26.74 -10.78 15.98
N ASP B 75 25.86 -9.83 16.38
CA ASP B 75 24.54 -10.16 16.92
C ASP B 75 23.39 -9.64 16.05
N VAL B 76 23.24 -8.32 15.90
CA VAL B 76 22.14 -7.72 15.14
C VAL B 76 22.71 -6.92 13.98
N MET B 77 22.07 -7.05 12.82
CA MET B 77 22.53 -6.37 11.62
C MET B 77 21.32 -5.79 10.91
N ALA B 78 21.44 -4.53 10.50
CA ALA B 78 20.43 -3.82 9.72
C ALA B 78 20.67 -4.12 8.25
N LEU B 79 19.81 -4.95 7.67
CA LEU B 79 19.98 -5.37 6.29
C LEU B 79 19.22 -4.46 5.34
N ASP B 80 19.83 -4.16 4.20
CA ASP B 80 19.08 -3.55 3.11
C ASP B 80 17.97 -4.49 2.69
N VAL B 81 16.89 -3.94 2.13
CA VAL B 81 15.66 -4.69 1.92
C VAL B 81 15.80 -5.66 0.75
N VAL B 82 16.96 -5.66 0.09
CA VAL B 82 17.14 -6.57 -1.03
C VAL B 82 18.03 -7.75 -0.67
N TRP B 83 18.51 -7.85 0.58
CA TRP B 83 19.44 -8.92 0.94
C TRP B 83 18.77 -10.09 1.65
N THR B 84 17.45 -10.03 1.84
CA THR B 84 16.77 -11.03 2.66
C THR B 84 16.91 -12.44 2.10
N ALA B 85 16.66 -12.58 0.78
CA ALA B 85 16.65 -13.93 0.22
C ALA B 85 18.01 -14.57 0.33
N GLU B 86 19.05 -13.82 -0.01
CA GLU B 86 20.41 -14.35 0.09
C GLU B 86 20.75 -14.73 1.54
N PHE B 87 20.51 -13.81 2.47
CA PHE B 87 20.94 -14.06 3.85
C PHE B 87 20.13 -15.15 4.50
N ALA B 88 18.86 -15.31 4.12
CA ALA B 88 18.08 -16.41 4.65
C ALA B 88 18.58 -17.74 4.11
N GLU B 89 18.75 -17.81 2.78
CA GLU B 89 19.22 -19.02 2.13
C GLU B 89 20.55 -19.48 2.70
N ALA B 90 21.46 -18.53 2.92
CA ALA B 90 22.79 -18.85 3.39
C ALA B 90 22.80 -19.28 4.85
N GLY B 91 21.70 -19.07 5.58
CA GLY B 91 21.71 -19.31 7.01
C GLY B 91 22.38 -18.21 7.81
N TRP B 92 22.55 -17.02 7.23
CA TRP B 92 23.19 -15.91 7.93
C TRP B 92 22.21 -15.18 8.84
N ALA B 93 20.97 -15.06 8.39
CA ALA B 93 19.92 -14.41 9.17
C ALA B 93 19.02 -15.48 9.76
N LEU B 94 18.85 -15.48 11.08
CA LEU B 94 18.01 -16.48 11.71
C LEU B 94 16.54 -16.19 11.41
N PRO B 95 15.73 -17.21 11.18
CA PRO B 95 14.27 -17.00 11.13
C PRO B 95 13.80 -16.44 12.45
N LEU B 96 12.79 -15.55 12.40
CA LEU B 96 12.27 -14.98 13.65
C LEU B 96 11.70 -16.07 14.55
N SER B 97 11.26 -17.18 13.96
CA SER B 97 10.76 -18.31 14.74
C SER B 97 11.80 -18.92 15.66
N GLU B 98 13.06 -18.55 15.52
CA GLU B 98 14.09 -19.10 16.39
C GLU B 98 14.28 -18.29 17.67
N ASP B 99 13.49 -17.24 17.88
CA ASP B 99 13.57 -16.47 19.11
C ASP B 99 13.18 -17.37 20.28
N PRO B 100 14.06 -17.56 21.27
CA PRO B 100 13.67 -18.39 22.42
C PRO B 100 12.48 -17.86 23.20
N ALA B 101 12.27 -16.53 23.21
CA ALA B 101 11.11 -15.96 23.87
C ALA B 101 9.84 -16.12 23.07
N GLY B 102 9.94 -16.45 21.78
CA GLY B 102 8.77 -16.59 20.97
C GLY B 102 8.01 -15.33 20.72
N LEU B 103 8.67 -14.16 20.83
CA LEU B 103 8.02 -12.87 20.68
C LEU B 103 8.34 -12.15 19.38
N ALA B 104 9.38 -12.58 18.67
CA ALA B 104 9.89 -11.80 17.53
C ALA B 104 8.91 -11.74 16.36
N GLU B 105 8.26 -12.85 16.05
CA GLU B 105 7.37 -12.87 14.90
C GLU B 105 6.19 -11.93 15.11
N ALA B 106 5.56 -11.99 16.27
CA ALA B 106 4.44 -11.11 16.53
C ALA B 106 4.87 -9.65 16.60
N ASP B 107 6.06 -9.37 17.16
CA ASP B 107 6.54 -8.00 17.22
C ASP B 107 6.70 -7.44 15.82
N ALA B 108 7.28 -8.23 14.91
CA ALA B 108 7.52 -7.76 13.57
C ALA B 108 6.22 -7.56 12.80
N THR B 109 5.20 -8.34 13.11
CA THR B 109 3.99 -8.37 12.31
C THR B 109 3.00 -7.30 12.74
N THR B 110 3.06 -6.90 14.00
CA THR B 110 2.14 -5.96 14.62
C THR B 110 2.53 -4.52 14.33
N ASN B 111 1.54 -3.69 13.97
CA ASN B 111 1.76 -2.26 13.77
C ASN B 111 3.00 -1.99 12.93
N THR B 112 3.12 -2.72 11.82
CA THR B 112 4.27 -2.61 10.93
C THR B 112 3.79 -2.61 9.48
N LEU B 113 4.22 -1.63 8.71
CA LEU B 113 3.73 -1.49 7.34
C LEU B 113 3.94 -2.78 6.54
N PRO B 114 2.91 -3.31 5.89
CA PRO B 114 3.06 -4.64 5.28
C PRO B 114 3.91 -4.69 4.04
N GLY B 115 4.02 -3.61 3.26
CA GLY B 115 4.92 -3.60 2.13
C GLY B 115 6.37 -3.82 2.56
N PRO B 116 6.83 -2.97 3.48
CA PRO B 116 8.14 -3.23 4.13
C PRO B 116 8.24 -4.62 4.74
N LEU B 117 7.17 -5.09 5.40
CA LEU B 117 7.24 -6.42 6.00
C LEU B 117 7.51 -7.49 4.96
N GLU B 118 6.96 -7.34 3.75
CA GLU B 118 7.20 -8.37 2.74
C GLU B 118 8.67 -8.45 2.38
N THR B 119 9.38 -7.33 2.43
CA THR B 119 10.79 -7.32 2.04
C THR B 119 11.65 -8.12 3.02
N ALA B 120 11.11 -8.43 4.21
CA ALA B 120 11.83 -9.13 5.26
C ALA B 120 11.53 -10.62 5.25
N LYS B 121 10.79 -11.09 4.26
CA LYS B 121 10.38 -12.47 4.14
C LYS B 121 11.18 -13.20 3.07
N TRP B 122 11.30 -14.52 3.27
CA TRP B 122 11.79 -15.38 2.20
C TRP B 122 10.95 -16.64 2.25
N ASN B 123 10.32 -16.99 1.12
CA ASN B 123 9.46 -18.16 1.03
C ASN B 123 8.45 -18.20 2.18
N GLY B 124 7.80 -17.05 2.40
CA GLY B 124 6.68 -17.01 3.30
C GLY B 124 7.01 -16.87 4.76
N GLU B 125 8.29 -16.78 5.12
CA GLU B 125 8.72 -16.73 6.52
C GLU B 125 9.59 -15.50 6.75
N LEU B 126 9.45 -14.95 7.93
CA LEU B 126 10.21 -13.76 8.27
C LEU B 126 11.61 -14.11 8.75
N TYR B 127 12.60 -13.41 8.21
CA TYR B 127 13.99 -13.52 8.62
C TYR B 127 14.53 -12.19 9.17
N ALA B 128 13.68 -11.19 9.35
CA ALA B 128 14.12 -9.87 9.80
C ALA B 128 12.88 -9.10 10.21
N ALA B 129 13.07 -8.06 11.02
CA ALA B 129 12.02 -7.16 11.48
C ALA B 129 12.24 -5.77 10.91
N PRO B 130 11.38 -5.28 10.04
CA PRO B 130 11.61 -3.94 9.46
C PRO B 130 11.82 -2.93 10.58
N ILE B 131 12.78 -2.02 10.40
CA ILE B 131 12.93 -0.88 11.29
C ILE B 131 12.74 0.45 10.57
N THR B 132 13.19 0.56 9.32
CA THR B 132 12.90 1.76 8.56
C THR B 132 12.51 1.36 7.15
N THR B 133 11.66 2.19 6.52
CA THR B 133 11.39 2.02 5.10
C THR B 133 12.05 3.22 4.39
N ASN B 134 11.72 3.40 3.13
CA ASN B 134 12.34 4.47 2.37
C ASN B 134 11.64 4.53 1.01
N THR B 135 11.43 5.75 0.52
CA THR B 135 10.87 6.02 -0.78
C THR B 135 11.41 7.38 -1.20
N GLN B 136 11.93 7.49 -2.43
CA GLN B 136 12.50 8.76 -2.86
C GLN B 136 11.42 9.79 -3.19
N LEU B 137 11.71 11.03 -2.84
CA LEU B 137 10.87 12.16 -3.20
C LEU B 137 11.62 13.06 -4.19
N LEU B 138 10.85 13.97 -4.79
CA LEU B 138 11.39 15.06 -5.58
C LEU B 138 11.63 16.24 -4.65
N TRP B 139 12.83 16.81 -4.70
CA TRP B 139 13.23 17.99 -3.95
C TRP B 139 13.55 19.08 -4.95
N TYR B 140 13.11 20.30 -4.67
CA TYR B 140 13.22 21.34 -5.69
C TYR B 140 13.41 22.70 -5.04
N ARG B 141 13.99 23.61 -5.82
CA ARG B 141 14.22 25.00 -5.40
C ARG B 141 12.90 25.75 -5.61
N ALA B 142 12.13 25.88 -4.52
CA ALA B 142 10.81 26.49 -4.61
C ALA B 142 10.89 27.97 -4.97
N ASP B 143 12.06 28.60 -4.83
CA ASP B 143 12.16 30.01 -5.25
C ASP B 143 12.39 30.16 -6.75
N LEU B 144 12.82 29.11 -7.44
CA LEU B 144 13.22 29.23 -8.84
C LEU B 144 12.19 28.74 -9.82
N MET B 145 11.08 28.19 -9.36
CA MET B 145 10.03 27.68 -10.21
C MET B 145 8.73 27.74 -9.40
N ASP B 146 7.61 27.82 -10.11
CA ASP B 146 6.30 27.84 -9.46
C ASP B 146 5.94 26.43 -9.01
N GLU B 147 5.51 25.59 -9.97
CA GLU B 147 5.15 24.23 -9.61
C GLU B 147 6.31 23.31 -9.92
N PRO B 148 6.50 22.27 -9.09
CA PRO B 148 7.55 21.29 -9.38
C PRO B 148 7.16 20.40 -10.54
N PRO B 149 8.14 19.88 -11.29
CA PRO B 149 7.80 18.91 -12.35
C PRO B 149 7.02 17.72 -11.80
N ALA B 150 6.05 17.27 -12.60
CA ALA B 150 5.27 16.07 -12.27
C ALA B 150 5.73 14.85 -13.05
N THR B 151 6.48 15.04 -14.13
CA THR B 151 6.98 13.94 -14.94
C THR B 151 8.45 14.19 -15.28
N TRP B 152 9.12 13.15 -15.81
CA TRP B 152 10.52 13.31 -16.20
C TRP B 152 10.64 14.20 -17.44
N ASP B 153 9.61 14.22 -18.32
CA ASP B 153 9.62 15.22 -19.39
C ASP B 153 9.70 16.63 -18.81
N GLU B 154 8.92 16.91 -17.76
CA GLU B 154 8.90 18.25 -17.16
C GLU B 154 10.17 18.51 -16.37
N MET B 155 10.80 17.48 -15.82
CA MET B 155 12.10 17.65 -15.20
C MET B 155 13.12 18.16 -16.23
N LEU B 156 13.14 17.52 -17.39
CA LEU B 156 14.03 17.95 -18.47
C LEU B 156 13.71 19.35 -18.96
N SER B 157 12.43 19.65 -19.14
CA SER B 157 12.00 20.97 -19.61
C SER B 157 12.42 22.06 -18.64
N GLU B 158 12.25 21.80 -17.34
CA GLU B 158 12.55 22.82 -16.34
C GLU B 158 14.04 23.04 -16.20
N ALA B 159 14.83 21.96 -16.23
CA ALA B 159 16.28 22.11 -16.19
C ALA B 159 16.78 22.91 -17.40
N ALA B 160 16.17 22.69 -18.57
CA ALA B 160 16.58 23.44 -19.75
C ALA B 160 16.21 24.91 -19.62
N ARG B 161 15.02 25.19 -19.05
CA ARG B 161 14.61 26.55 -18.76
C ARG B 161 15.62 27.24 -17.86
N LEU B 162 16.10 26.52 -16.84
CA LEU B 162 17.08 27.08 -15.93
C LEU B 162 18.43 27.25 -16.62
N HIS B 163 18.84 26.27 -17.43
CA HIS B 163 20.09 26.38 -18.16
C HIS B 163 20.09 27.61 -19.06
N ALA B 164 18.97 27.89 -19.72
CA ALA B 164 18.94 28.99 -20.68
C ALA B 164 19.04 30.35 -20.00
N GLN B 165 18.80 30.43 -18.69
CA GLN B 165 18.97 31.67 -17.95
C GLN B 165 20.19 31.62 -17.02
N GLY B 166 21.08 30.65 -17.23
CA GLY B 166 22.28 30.56 -16.43
C GLY B 166 22.07 30.09 -15.01
N GLY B 167 21.00 29.36 -14.75
CA GLY B 167 20.68 28.93 -13.41
C GLY B 167 21.24 27.56 -13.10
N PRO B 168 20.86 27.02 -11.94
CA PRO B 168 21.34 25.68 -11.55
C PRO B 168 20.63 24.61 -12.36
N SER B 169 21.30 24.11 -13.38
CA SER B 169 20.66 23.29 -14.39
C SER B 169 20.82 21.79 -14.14
N TRP B 170 21.64 21.39 -13.19
CA TRP B 170 21.85 19.96 -12.99
C TRP B 170 20.56 19.32 -12.46
N ILE B 171 20.34 18.06 -12.84
CA ILE B 171 19.36 17.20 -12.17
C ILE B 171 20.18 16.25 -11.29
N ALA B 172 19.89 16.27 -9.99
CA ALA B 172 20.67 15.52 -9.01
C ALA B 172 20.09 14.12 -8.86
N VAL B 173 20.78 13.14 -9.45
CA VAL B 173 20.35 11.75 -9.51
C VAL B 173 21.43 10.85 -8.93
N GLN B 174 21.23 9.53 -9.06
CA GLN B 174 22.19 8.51 -8.61
C GLN B 174 22.54 7.68 -9.84
N GLY B 175 23.59 8.09 -10.55
CA GLY B 175 23.89 7.48 -11.86
C GLY B 175 25.18 6.70 -11.97
N LYS B 176 25.94 6.61 -10.89
CA LYS B 176 27.18 5.84 -10.94
C LYS B 176 26.89 4.34 -10.88
N GLN B 177 27.93 3.55 -11.15
CA GLN B 177 27.78 2.10 -11.23
C GLN B 177 27.67 1.52 -9.83
N TYR B 178 26.45 1.50 -9.31
CA TYR B 178 26.17 0.89 -8.01
C TYR B 178 24.66 0.72 -7.84
N GLU B 179 24.25 0.24 -6.66
CA GLU B 179 22.85 -0.11 -6.39
C GLU B 179 21.91 1.08 -6.61
N GLY B 180 22.35 2.29 -6.34
CA GLY B 180 21.45 3.43 -6.52
C GLY B 180 21.02 3.64 -7.97
N LEU B 181 21.87 3.25 -8.92
CA LEU B 181 21.45 3.31 -10.31
C LEU B 181 20.44 2.23 -10.65
N VAL B 182 20.57 1.07 -10.03
CA VAL B 182 19.59 0.01 -10.21
C VAL B 182 18.25 0.41 -9.60
N VAL B 183 18.29 1.13 -8.49
CA VAL B 183 17.05 1.64 -7.91
C VAL B 183 16.37 2.63 -8.87
N TRP B 184 17.15 3.58 -9.39
CA TRP B 184 16.62 4.54 -10.34
C TRP B 184 15.97 3.84 -11.52
N PHE B 185 16.68 2.87 -12.12
CA PHE B 185 16.12 2.11 -13.23
C PHE B 185 14.85 1.38 -12.82
N ASN B 186 14.85 0.73 -11.63
CA ASN B 186 13.70 -0.07 -11.24
C ASN B 186 12.45 0.79 -11.06
N THR B 187 12.60 1.97 -10.44
CA THR B 187 11.49 2.91 -10.33
C THR B 187 10.95 3.34 -11.69
N LEU B 188 11.84 3.74 -12.60
CA LEU B 188 11.39 4.15 -13.93
C LEU B 188 10.70 2.99 -14.65
N LEU B 189 11.31 1.80 -14.57
CA LEU B 189 10.76 0.60 -15.22
C LEU B 189 9.36 0.29 -14.71
N GLU B 190 9.19 0.15 -13.38
CA GLU B 190 7.88 -0.15 -12.83
C GLU B 190 6.90 0.98 -13.09
N SER B 191 7.36 2.22 -13.04
CA SER B 191 6.46 3.34 -13.33
C SER B 191 5.95 3.28 -14.76
N ALA B 192 6.72 2.68 -15.67
CA ALA B 192 6.30 2.55 -17.06
C ALA B 192 5.52 1.25 -17.33
N GLY B 193 5.36 0.38 -16.33
CA GLY B 193 4.63 -0.85 -16.51
C GLY B 193 5.46 -2.12 -16.67
N GLY B 194 6.76 -2.07 -16.39
CA GLY B 194 7.60 -3.25 -16.45
C GLY B 194 7.97 -3.79 -15.08
N GLN B 195 8.80 -4.83 -15.12
CA GLN B 195 9.38 -5.46 -13.93
C GLN B 195 10.55 -6.32 -14.38
N VAL B 196 11.54 -6.44 -13.52
CA VAL B 196 12.78 -7.12 -13.89
C VAL B 196 12.57 -8.62 -14.04
N LEU B 197 11.96 -9.25 -13.03
CA LEU B 197 11.70 -10.68 -13.01
C LEU B 197 10.21 -10.96 -12.89
N SER B 198 9.83 -12.17 -13.28
CA SER B 198 8.50 -12.68 -13.02
C SER B 198 8.24 -12.73 -11.52
N ASP B 199 6.94 -12.81 -11.16
CA ASP B 199 6.57 -12.76 -9.74
C ASP B 199 7.26 -13.86 -8.94
N ASP B 200 7.43 -15.04 -9.52
CA ASP B 200 8.10 -16.13 -8.82
C ASP B 200 9.64 -16.05 -8.87
N GLY B 201 10.19 -15.06 -9.55
CA GLY B 201 11.63 -14.88 -9.59
C GLY B 201 12.38 -15.76 -10.56
N GLN B 202 11.69 -16.58 -11.35
CA GLN B 202 12.36 -17.58 -12.17
C GLN B 202 12.60 -17.18 -13.63
N ARG B 203 11.95 -16.13 -14.12
CA ARG B 203 12.06 -15.72 -15.52
C ARG B 203 12.34 -14.23 -15.60
N VAL B 204 13.11 -13.85 -16.63
CA VAL B 204 13.40 -12.45 -16.91
C VAL B 204 12.27 -11.82 -17.70
N THR B 205 11.79 -10.66 -17.25
CA THR B 205 10.62 -10.04 -17.86
C THR B 205 10.91 -8.61 -18.33
N LEU B 206 12.16 -8.32 -18.65
CA LEU B 206 12.48 -7.01 -19.19
C LEU B 206 12.07 -6.85 -20.65
N THR B 207 12.09 -7.93 -21.43
CA THR B 207 11.82 -7.83 -22.87
C THR B 207 10.98 -8.99 -23.40
N ASP B 208 10.28 -9.72 -22.54
CA ASP B 208 9.59 -10.94 -22.94
C ASP B 208 8.24 -10.68 -23.60
N THR B 209 7.70 -9.48 -23.48
CA THR B 209 6.49 -9.11 -24.18
C THR B 209 6.69 -7.70 -24.73
N PRO B 210 5.88 -7.31 -25.71
CA PRO B 210 6.01 -5.92 -26.23
C PRO B 210 5.80 -4.86 -25.15
N GLU B 211 4.85 -5.04 -24.23
CA GLU B 211 4.61 -4.03 -23.21
C GLU B 211 5.76 -3.98 -22.21
N HIS B 212 6.32 -5.12 -21.84
CA HIS B 212 7.49 -5.12 -20.97
C HIS B 212 8.70 -4.48 -21.65
N ARG B 213 8.91 -4.77 -22.93
CA ARG B 213 10.03 -4.15 -23.62
C ARG B 213 9.87 -2.63 -23.71
N ALA B 214 8.66 -2.17 -23.97
CA ALA B 214 8.43 -0.74 -24.08
C ALA B 214 8.73 -0.06 -22.76
N ALA B 215 8.46 -0.74 -21.67
CA ALA B 215 8.73 -0.15 -20.34
C ALA B 215 10.22 -0.03 -20.11
N THR B 216 10.96 -1.08 -20.43
CA THR B 216 12.42 -1.04 -20.33
C THR B 216 13.00 0.06 -21.21
N VAL B 217 12.54 0.14 -22.47
CA VAL B 217 13.07 1.17 -23.38
C VAL B 217 12.75 2.57 -22.85
N LYS B 218 11.53 2.78 -22.34
CA LYS B 218 11.18 4.08 -21.79
C LYS B 218 12.07 4.46 -20.61
N ALA B 219 12.29 3.53 -19.70
CA ALA B 219 13.15 3.81 -18.55
C ALA B 219 14.56 4.19 -19.01
N LEU B 220 15.10 3.45 -19.98
CA LEU B 220 16.43 3.73 -20.47
C LEU B 220 16.49 5.05 -21.21
N GLU B 221 15.44 5.38 -21.97
CA GLU B 221 15.35 6.68 -22.62
C GLU B 221 15.45 7.81 -21.61
N ILE B 222 14.78 7.66 -20.46
CA ILE B 222 14.81 8.72 -19.45
C ILE B 222 16.21 8.88 -18.88
N ILE B 223 16.86 7.78 -18.50
CA ILE B 223 18.21 7.86 -17.93
C ILE B 223 19.17 8.49 -18.95
N LYS B 224 19.06 8.08 -20.22
CA LYS B 224 19.93 8.64 -21.26
C LYS B 224 19.67 10.13 -21.48
N ALA B 225 18.40 10.51 -21.49
CA ALA B 225 18.08 11.91 -21.72
C ALA B 225 18.54 12.79 -20.57
N VAL B 226 18.48 12.29 -19.33
CA VAL B 226 19.00 13.06 -18.20
C VAL B 226 20.51 13.22 -18.31
N ALA B 227 21.22 12.11 -18.59
CA ALA B 227 22.66 12.14 -18.71
C ALA B 227 23.16 13.05 -19.85
N THR B 228 22.36 13.26 -20.90
CA THR B 228 22.78 14.04 -22.06
C THR B 228 22.07 15.38 -22.17
N ALA B 229 21.30 15.76 -21.16
CA ALA B 229 20.55 17.00 -21.20
C ALA B 229 21.49 18.21 -21.28
N PRO B 230 21.02 19.29 -21.87
CA PRO B 230 21.86 20.48 -22.06
C PRO B 230 22.65 20.92 -20.84
N GLY B 231 21.97 21.20 -19.73
CA GLY B 231 22.72 21.67 -18.57
C GLY B 231 23.08 20.60 -17.56
N ALA B 232 23.35 19.40 -18.04
CA ALA B 232 23.48 18.26 -17.16
C ALA B 232 24.75 18.36 -16.31
N ASP B 233 24.73 17.65 -15.18
CA ASP B 233 25.90 17.51 -14.33
C ASP B 233 27.03 16.87 -15.12
N PRO B 234 28.14 17.56 -15.35
CA PRO B 234 29.25 16.95 -16.11
C PRO B 234 29.79 15.70 -15.47
N SER B 235 29.57 15.48 -14.16
CA SER B 235 30.04 14.29 -13.47
C SER B 235 28.90 13.33 -13.16
N ILE B 236 27.82 13.33 -13.96
CA ILE B 236 26.65 12.52 -13.64
C ILE B 236 27.00 11.04 -13.57
N THR B 237 27.99 10.58 -14.33
CA THR B 237 28.30 9.16 -14.29
C THR B 237 28.96 8.72 -13.00
N GLN B 238 29.22 9.64 -12.05
CA GLN B 238 29.77 9.30 -10.75
C GLN B 238 28.90 9.81 -9.60
N THR B 239 27.58 9.90 -9.82
CA THR B 239 26.69 10.45 -8.81
C THR B 239 26.05 9.38 -7.93
N ASP B 240 25.69 9.80 -6.71
CA ASP B 240 25.10 8.90 -5.71
C ASP B 240 24.28 9.78 -4.76
N GLU B 241 23.80 9.18 -3.67
CA GLU B 241 22.96 9.92 -2.72
C GLU B 241 23.68 11.17 -2.21
N ASN B 242 24.98 11.07 -1.97
CA ASN B 242 25.72 12.19 -1.39
C ASN B 242 25.94 13.29 -2.42
N THR B 243 26.33 12.93 -3.65
CA THR B 243 26.51 13.98 -4.65
C THR B 243 25.20 14.69 -4.91
N ALA B 244 24.08 13.95 -4.86
CA ALA B 244 22.79 14.55 -5.16
C ALA B 244 22.38 15.54 -4.08
N ARG B 245 22.54 15.14 -2.81
CA ARG B 245 22.27 16.04 -1.70
C ARG B 245 23.11 17.31 -1.82
N LEU B 246 24.41 17.15 -2.08
CA LEU B 246 25.29 18.31 -2.17
C LEU B 246 24.99 19.18 -3.37
N ALA B 247 24.65 18.56 -4.52
CA ALA B 247 24.38 19.33 -5.71
C ALA B 247 23.33 20.39 -5.45
N LEU B 248 22.24 20.02 -4.76
CA LEU B 248 21.20 21.02 -4.48
C LEU B 248 21.64 22.00 -3.39
N GLU B 249 22.25 21.49 -2.32
CA GLU B 249 22.66 22.36 -1.22
C GLU B 249 23.66 23.40 -1.70
N GLN B 250 24.47 23.06 -2.70
CA GLN B 250 25.54 23.92 -3.19
C GLN B 250 25.12 24.75 -4.39
N GLY B 251 23.83 24.77 -4.71
CA GLY B 251 23.32 25.64 -5.75
C GLY B 251 23.63 25.23 -7.17
N ARG B 252 23.98 23.96 -7.39
CA ARG B 252 24.26 23.47 -8.73
C ARG B 252 23.07 22.80 -9.41
N ALA B 253 22.15 22.22 -8.62
CA ALA B 253 20.92 21.59 -9.09
C ALA B 253 19.72 22.25 -8.43
N ALA B 254 18.66 22.49 -9.20
CA ALA B 254 17.39 22.95 -8.66
C ALA B 254 16.36 21.82 -8.53
N LEU B 255 16.74 20.60 -8.94
CA LEU B 255 15.89 19.42 -8.99
C LEU B 255 16.73 18.23 -8.52
N GLU B 256 16.19 17.44 -7.59
CA GLU B 256 16.91 16.33 -6.98
C GLU B 256 15.90 15.24 -6.67
N VAL B 257 16.24 13.97 -6.96
CA VAL B 257 15.48 12.85 -6.43
C VAL B 257 16.34 12.19 -5.36
N ASN B 258 15.78 12.04 -4.15
CA ASN B 258 16.56 11.47 -3.06
C ASN B 258 15.65 11.06 -1.93
N TRP B 259 16.22 10.32 -0.99
CA TRP B 259 15.45 9.79 0.10
C TRP B 259 15.11 10.88 1.11
N PRO B 260 14.14 10.62 2.00
CA PRO B 260 13.63 11.69 2.89
C PRO B 260 14.65 12.32 3.83
N TYR B 261 15.80 11.66 4.09
CA TYR B 261 16.78 12.21 5.03
C TYR B 261 17.34 13.55 4.58
N VAL B 262 17.15 13.95 3.33
CA VAL B 262 17.78 15.18 2.87
C VAL B 262 17.15 16.43 3.49
N LEU B 263 15.93 16.33 4.04
CA LEU B 263 15.34 17.54 4.65
C LEU B 263 16.08 17.90 5.92
N PRO B 264 16.22 17.03 6.93
CA PRO B 264 17.02 17.40 8.11
C PRO B 264 18.43 17.80 7.76
N SER B 265 19.00 17.21 6.70
CA SER B 265 20.37 17.57 6.32
C SER B 265 20.44 19.00 5.82
N LEU B 266 19.47 19.42 5.01
CA LEU B 266 19.49 20.78 4.49
C LEU B 266 19.32 21.78 5.63
N LEU B 267 18.39 21.52 6.55
CA LEU B 267 18.20 22.43 7.69
C LEU B 267 19.49 22.54 8.51
N GLU B 268 20.11 21.40 8.83
CA GLU B 268 21.32 21.43 9.64
C GLU B 268 22.45 22.18 8.94
N ASN B 269 22.68 21.88 7.67
CA ASN B 269 23.79 22.50 6.96
C ASN B 269 23.53 23.97 6.67
N ALA B 270 22.25 24.34 6.49
CA ALA B 270 21.95 25.75 6.29
C ALA B 270 22.24 26.55 7.55
N ILE B 271 22.02 25.94 8.72
CA ILE B 271 22.31 26.59 9.99
C ILE B 271 23.81 26.65 10.22
N LYS B 272 24.58 25.70 9.69
CA LYS B 272 26.02 25.79 9.77
C LYS B 272 26.61 26.74 8.73
N GLY B 273 25.80 27.40 7.92
CA GLY B 273 26.29 28.31 6.91
C GLY B 273 26.68 27.67 5.59
N GLY B 274 26.39 26.38 5.39
CA GLY B 274 26.76 25.65 4.21
C GLY B 274 25.79 25.71 3.06
N VAL B 275 24.75 26.53 3.12
CA VAL B 275 23.74 26.62 2.08
C VAL B 275 23.58 28.09 1.71
N GLY B 276 24.19 28.50 0.60
CA GLY B 276 24.27 29.92 0.29
C GLY B 276 22.93 30.61 0.09
N PHE B 277 21.92 29.90 -0.42
CA PHE B 277 20.61 30.49 -0.64
C PHE B 277 19.69 30.38 0.57
N LEU B 278 20.19 29.85 1.69
CA LEU B 278 19.41 29.74 2.93
C LEU B 278 20.34 30.02 4.10
N PRO B 279 20.67 31.29 4.34
CA PRO B 279 21.68 31.63 5.37
C PRO B 279 21.11 31.62 6.79
N LEU B 280 20.59 30.47 7.21
CA LEU B 280 20.00 30.38 8.54
C LEU B 280 21.02 30.64 9.64
N ASN B 281 22.31 30.52 9.34
CA ASN B 281 23.34 30.85 10.31
C ASN B 281 23.27 32.30 10.77
N GLU B 282 22.60 33.16 9.99
CA GLU B 282 22.44 34.56 10.31
C GLU B 282 21.22 34.84 11.19
N ASN B 283 20.67 33.83 11.85
CA ASN B 283 19.50 34.04 12.67
C ASN B 283 19.77 33.61 14.11
N PRO B 284 19.47 34.46 15.10
CA PRO B 284 19.83 34.09 16.48
C PRO B 284 18.94 33.02 17.08
N ALA B 285 17.65 32.99 16.74
CA ALA B 285 16.79 31.95 17.30
C ALA B 285 17.36 30.57 17.06
N LEU B 286 18.10 30.40 15.97
CA LEU B 286 18.75 29.14 15.60
C LEU B 286 20.11 28.98 16.25
N ARG B 287 20.52 29.93 17.08
CA ARG B 287 21.76 29.82 17.83
C ARG B 287 21.60 28.75 18.91
N GLY B 288 22.56 27.85 19.01
CA GLY B 288 22.48 26.70 19.89
C GLY B 288 21.70 25.55 19.32
N SER B 289 21.18 25.72 18.11
CA SER B 289 20.50 24.66 17.39
C SER B 289 21.37 23.42 17.25
N ILE B 290 22.65 23.60 16.98
CA ILE B 290 23.59 22.53 16.71
C ILE B 290 24.34 22.24 17.99
N ASN B 291 24.39 20.98 18.39
CA ASN B 291 24.93 20.62 19.68
C ASN B 291 26.46 20.62 19.64
N ASP B 292 27.02 20.43 20.83
CA ASP B 292 28.47 20.45 21.02
C ASP B 292 29.17 19.44 20.11
N VAL B 293 28.61 18.24 20.00
CA VAL B 293 29.16 17.21 19.12
C VAL B 293 28.97 17.57 17.65
N GLY B 294 28.01 18.42 17.34
CA GLY B 294 27.77 18.87 15.99
C GLY B 294 26.43 18.47 15.41
N THR B 295 25.68 17.57 16.03
CA THR B 295 24.42 17.18 15.44
C THR B 295 23.30 18.17 15.79
N PHE B 296 22.27 18.12 14.96
CA PHE B 296 21.17 19.09 14.95
C PHE B 296 20.23 18.77 16.10
N ALA B 297 20.23 19.65 17.11
CA ALA B 297 19.45 19.47 18.34
C ALA B 297 18.62 20.72 18.58
N PRO B 298 17.57 20.92 17.79
CA PRO B 298 16.73 22.11 17.94
C PRO B 298 15.59 21.90 18.92
N THR B 299 15.19 22.99 19.56
CA THR B 299 13.89 22.97 20.21
C THR B 299 12.81 22.89 19.14
N ASP B 300 11.57 22.61 19.56
CA ASP B 300 10.47 22.61 18.61
C ASP B 300 10.33 23.98 17.96
N GLU B 301 10.59 25.04 18.71
CA GLU B 301 10.48 26.40 18.17
C GLU B 301 11.53 26.66 17.10
N GLN B 302 12.78 26.25 17.36
CA GLN B 302 13.82 26.42 16.36
C GLN B 302 13.54 25.57 15.14
N PHE B 303 13.06 24.33 15.36
CA PHE B 303 12.73 23.47 14.23
C PHE B 303 11.71 24.14 13.33
N ASP B 304 10.58 24.57 13.91
CA ASP B 304 9.52 25.20 13.12
C ASP B 304 10.06 26.42 12.38
N LEU B 305 10.88 27.22 13.05
CA LEU B 305 11.42 28.42 12.41
C LEU B 305 12.32 28.05 11.22
N ALA B 306 13.20 27.08 11.42
CA ALA B 306 14.08 26.65 10.32
C ALA B 306 13.26 26.08 9.16
N LEU B 307 12.30 25.19 9.47
CA LEU B 307 11.48 24.59 8.42
C LEU B 307 10.71 25.64 7.64
N ASN B 308 10.11 26.61 8.34
CA ASN B 308 9.29 27.61 7.66
C ASN B 308 10.14 28.50 6.75
N ALA B 309 11.32 28.89 7.20
CA ALA B 309 12.21 29.66 6.34
C ALA B 309 12.64 28.84 5.13
N SER B 310 12.85 27.53 5.32
CA SER B 310 13.30 26.70 4.21
C SER B 310 12.24 26.61 3.11
N LYS B 311 10.96 26.69 3.47
CA LYS B 311 9.92 26.54 2.47
C LYS B 311 10.06 27.61 1.39
N GLU B 312 10.71 28.74 1.70
CA GLU B 312 10.89 29.79 0.72
C GLU B 312 11.77 29.36 -0.45
N VAL B 313 12.68 28.42 -0.23
CA VAL B 313 13.62 28.04 -1.26
C VAL B 313 13.76 26.54 -1.46
N PHE B 314 12.90 25.74 -0.81
CA PHE B 314 13.11 24.30 -0.78
C PHE B 314 11.78 23.62 -0.53
N GLY B 315 11.43 22.69 -1.41
CA GLY B 315 10.18 21.96 -1.28
C GLY B 315 10.39 20.51 -1.66
N PHE B 316 9.44 19.70 -1.25
CA PHE B 316 9.41 18.31 -1.68
C PHE B 316 8.07 18.03 -2.33
N ALA B 317 8.03 16.99 -3.15
CA ALA B 317 6.88 16.66 -3.99
C ALA B 317 6.99 15.18 -4.34
N ARG B 318 5.91 14.67 -4.97
CA ARG B 318 5.94 13.29 -5.45
C ARG B 318 7.08 13.07 -6.45
N TYR B 319 7.74 11.92 -6.34
CA TYR B 319 8.71 11.50 -7.35
C TYR B 319 8.04 11.60 -8.72
N PRO B 320 8.71 12.15 -9.74
CA PRO B 320 8.06 12.37 -11.03
C PRO B 320 7.70 11.07 -11.74
N GLY B 321 6.52 11.08 -12.40
CA GLY B 321 6.08 9.95 -13.19
C GLY B 321 6.73 9.92 -14.57
N VAL B 322 6.47 8.83 -15.31
CA VAL B 322 7.05 8.71 -16.65
C VAL B 322 6.08 9.23 -17.73
N ARG B 323 4.79 9.25 -17.46
CA ARG B 323 3.80 9.76 -18.40
C ARG B 323 2.80 10.59 -17.63
N PRO B 324 2.11 11.50 -18.30
CA PRO B 324 1.13 12.34 -17.60
C PRO B 324 0.02 11.54 -16.92
N ASP B 325 -0.37 12.02 -15.75
CA ASP B 325 -1.47 11.43 -14.94
C ASP B 325 -1.28 9.94 -14.70
N GLU B 326 -0.03 9.53 -14.51
CA GLU B 326 0.30 8.17 -14.08
C GLU B 326 1.28 8.36 -12.93
N PRO B 327 0.83 8.29 -11.67
CA PRO B 327 1.76 8.46 -10.55
C PRO B 327 2.89 7.44 -10.62
N ALA B 328 4.10 7.89 -10.26
CA ALA B 328 5.24 6.99 -10.26
C ALA B 328 5.01 5.84 -9.28
N ARG B 329 5.63 4.67 -9.59
CA ARG B 329 5.75 3.52 -8.70
C ARG B 329 7.19 3.57 -8.20
N VAL B 330 7.39 4.01 -6.98
CA VAL B 330 8.71 4.35 -6.47
C VAL B 330 9.30 3.18 -5.67
N THR B 331 10.56 2.81 -5.98
CA THR B 331 11.16 1.64 -5.36
C THR B 331 11.34 1.81 -3.86
N LEU B 332 10.89 0.81 -3.11
CA LEU B 332 11.09 0.78 -1.67
C LEU B 332 12.55 0.56 -1.31
N GLY B 333 13.03 1.32 -0.33
CA GLY B 333 14.31 1.05 0.33
C GLY B 333 14.09 0.79 1.81
N GLY B 334 15.17 0.82 2.60
CA GLY B 334 15.02 0.78 4.04
C GLY B 334 15.97 -0.21 4.66
N LEU B 335 15.67 -0.56 5.91
CA LEU B 335 16.52 -1.41 6.74
C LEU B 335 15.65 -2.36 7.51
N ASN B 336 15.98 -3.66 7.47
CA ASN B 336 15.30 -4.68 8.26
C ASN B 336 16.30 -5.28 9.23
N LEU B 337 15.94 -5.39 10.51
CA LEU B 337 16.88 -5.94 11.51
C LEU B 337 16.84 -7.47 11.54
N ALA B 338 18.02 -8.09 11.39
CA ALA B 338 18.18 -9.53 11.45
C ALA B 338 19.11 -9.90 12.62
N VAL B 339 18.81 -11.00 13.27
CA VAL B 339 19.73 -11.61 14.22
C VAL B 339 20.66 -12.55 13.42
N ALA B 340 21.96 -12.31 13.54
CA ALA B 340 22.95 -13.11 12.84
C ALA B 340 23.08 -14.49 13.46
N SER B 341 23.32 -15.49 12.61
CA SER B 341 23.44 -16.85 13.09
C SER B 341 24.69 -17.04 13.94
N THR B 342 25.61 -16.10 13.88
CA THR B 342 26.83 -16.10 14.69
C THR B 342 26.59 -15.75 16.15
N THR B 343 25.42 -15.24 16.52
CA THR B 343 25.26 -14.71 17.86
C THR B 343 25.42 -15.80 18.92
N ARG B 344 26.04 -15.43 20.04
CA ARG B 344 26.07 -16.30 21.21
C ARG B 344 24.89 -16.04 22.14
N HIS B 345 24.07 -15.01 21.84
CA HIS B 345 23.02 -14.58 22.76
C HIS B 345 21.71 -14.35 22.01
N LYS B 346 21.11 -15.44 21.54
CA LYS B 346 19.90 -15.28 20.72
C LYS B 346 18.79 -14.55 21.46
N ALA B 347 18.54 -14.88 22.74
CA ALA B 347 17.42 -14.25 23.45
C ALA B 347 17.62 -12.74 23.52
N GLU B 348 18.82 -12.31 23.91
CA GLU B 348 19.08 -10.88 24.05
C GLU B 348 19.11 -10.19 22.70
N ALA B 349 19.60 -10.88 21.67
CA ALA B 349 19.63 -10.26 20.34
C ALA B 349 18.22 -9.96 19.85
N PHE B 350 17.31 -10.91 20.00
CA PHE B 350 15.94 -10.71 19.57
C PHE B 350 15.25 -9.67 20.44
N GLU B 351 15.54 -9.67 21.75
CA GLU B 351 14.99 -8.63 22.61
C GLU B 351 15.48 -7.26 22.17
N ALA B 352 16.77 -7.16 21.85
CA ALA B 352 17.31 -5.90 21.36
C ALA B 352 16.56 -5.42 20.11
N VAL B 353 16.29 -6.34 19.18
CA VAL B 353 15.60 -5.95 17.95
C VAL B 353 14.26 -5.29 18.29
N ARG B 354 13.50 -5.90 19.20
CA ARG B 354 12.21 -5.31 19.58
C ARG B 354 12.40 -3.92 20.18
N CYS B 355 13.40 -3.73 21.04
CA CYS B 355 13.56 -2.43 21.67
C CYS B 355 13.92 -1.37 20.64
N LEU B 356 14.88 -1.68 19.75
CA LEU B 356 15.37 -0.71 18.79
C LEU B 356 14.25 -0.19 17.90
N ARG B 357 13.22 -1.02 17.66
CA ARG B 357 12.14 -0.62 16.77
C ARG B 357 10.86 -0.28 17.51
N ASN B 358 10.91 -0.06 18.84
CA ASN B 358 9.67 0.31 19.52
C ASN B 358 9.20 1.70 19.10
N GLU B 359 7.93 1.97 19.39
CA GLU B 359 7.27 3.12 18.78
C GLU B 359 7.92 4.45 19.14
N GLU B 360 8.41 4.61 20.36
CA GLU B 360 9.06 5.90 20.68
C GLU B 360 10.43 6.01 20.02
N ASN B 361 11.15 4.90 19.88
CA ASN B 361 12.40 4.96 19.12
C ASN B 361 12.14 5.22 17.63
N GLN B 362 11.01 4.74 17.13
CA GLN B 362 10.64 5.01 15.73
C GLN B 362 10.39 6.49 15.51
N ARG B 363 9.68 7.11 16.44
CA ARG B 363 9.43 8.54 16.38
C ARG B 363 10.73 9.30 16.26
N LEU B 364 11.72 8.96 17.08
CA LEU B 364 13.00 9.64 17.06
C LEU B 364 13.75 9.36 15.77
N THR B 365 13.70 8.09 15.31
CA THR B 365 14.41 7.69 14.10
C THR B 365 14.01 8.53 12.92
N SER B 366 12.72 8.84 12.81
CA SER B 366 12.24 9.64 11.69
C SER B 366 12.48 11.11 11.92
N ILE B 367 12.11 11.61 13.10
CA ILE B 367 12.15 13.04 13.31
C ILE B 367 13.60 13.54 13.38
N GLU B 368 14.50 12.80 14.00
CA GLU B 368 15.90 13.20 14.04
C GLU B 368 16.72 12.64 12.88
N GLY B 369 16.55 11.36 12.52
CA GLY B 369 17.36 10.80 11.46
C GLY B 369 16.85 11.03 10.06
N GLY B 370 15.57 11.34 9.91
CA GLY B 370 14.98 11.48 8.61
C GLY B 370 14.52 10.19 7.99
N LEU B 371 14.77 9.06 8.62
CA LEU B 371 14.44 7.77 8.02
C LEU B 371 12.98 7.42 8.29
N PRO B 372 12.21 7.06 7.27
CA PRO B 372 10.80 6.71 7.49
C PRO B 372 10.58 5.52 8.42
N ALA B 373 9.75 5.74 9.43
CA ALA B 373 9.34 4.68 10.34
C ALA B 373 8.49 3.62 9.63
N VAL B 374 8.46 2.44 10.23
CA VAL B 374 7.59 1.37 9.74
C VAL B 374 6.38 1.14 10.64
N ARG B 375 6.29 1.83 11.78
CA ARG B 375 5.13 1.68 12.66
C ARG B 375 3.96 2.42 12.03
N THR B 376 2.95 1.65 11.59
CA THR B 376 1.80 2.20 10.87
C THR B 376 1.14 3.35 11.62
N SER B 377 1.01 3.21 12.93
CA SER B 377 0.32 4.17 13.76
C SER B 377 0.91 5.56 13.64
N LEU B 378 2.22 5.66 13.41
CA LEU B 378 2.83 6.98 13.42
C LEU B 378 2.36 7.82 12.25
N TYR B 379 1.98 7.21 11.13
CA TYR B 379 1.53 7.98 9.98
C TYR B 379 0.18 8.63 10.21
N ASP B 380 -0.51 8.26 11.29
CA ASP B 380 -1.76 8.90 11.72
C ASP B 380 -1.59 9.71 13.01
N ASP B 381 -0.37 9.83 13.52
CA ASP B 381 -0.13 10.44 14.83
C ASP B 381 0.10 11.94 14.66
N PRO B 382 -0.67 12.80 15.33
CA PRO B 382 -0.57 14.24 14.99
C PRO B 382 0.80 14.82 15.24
N GLN B 383 1.44 14.48 16.36
CA GLN B 383 2.76 15.06 16.63
C GLN B 383 3.81 14.58 15.63
N PHE B 384 3.74 13.30 15.21
CA PHE B 384 4.60 12.82 14.12
C PHE B 384 4.35 13.60 12.83
N GLN B 385 3.09 13.83 12.50
CA GLN B 385 2.77 14.49 11.25
C GLN B 385 3.27 15.93 11.22
N ALA B 386 3.31 16.59 12.37
CA ALA B 386 3.79 17.97 12.39
C ALA B 386 5.31 18.04 12.35
N LYS B 387 6.00 17.03 12.87
CA LYS B 387 7.46 17.07 12.96
C LYS B 387 8.17 16.24 11.90
N TYR B 388 7.46 15.42 11.15
CA TYR B 388 8.01 14.64 10.05
C TYR B 388 7.13 14.94 8.85
N PRO B 389 7.29 16.11 8.23
CA PRO B 389 6.32 16.57 7.23
C PRO B 389 6.28 15.74 5.97
N GLN B 390 7.31 14.92 5.72
CA GLN B 390 7.36 14.01 4.59
C GLN B 390 6.32 12.89 4.67
N TYR B 391 5.63 12.73 5.82
CA TYR B 391 4.88 11.51 6.07
C TYR B 391 3.77 11.30 5.03
N GLU B 392 3.13 12.38 4.56
CA GLU B 392 1.97 12.22 3.71
C GLU B 392 2.36 11.78 2.29
N ILE B 393 3.40 12.38 1.72
CA ILE B 393 3.85 11.92 0.41
C ILE B 393 4.43 10.51 0.52
N ILE B 394 5.13 10.19 1.62
CA ILE B 394 5.59 8.82 1.82
C ILE B 394 4.42 7.85 1.79
N ARG B 395 3.39 8.11 2.59
CA ARG B 395 2.20 7.23 2.58
C ARG B 395 1.63 7.10 1.18
N ASP B 396 1.53 8.22 0.47
CA ASP B 396 0.96 8.22 -0.87
C ASP B 396 1.77 7.31 -1.79
N GLN B 397 3.09 7.37 -1.72
CA GLN B 397 3.93 6.51 -2.55
C GLN B 397 4.00 5.06 -2.07
N LEU B 398 3.67 4.81 -0.81
CA LEU B 398 3.65 3.42 -0.38
C LEU B 398 2.49 2.65 -0.98
N ILE B 399 1.39 3.33 -1.31
CA ILE B 399 0.23 2.59 -1.79
C ILE B 399 0.45 1.96 -3.17
N ASN B 400 1.33 2.53 -4.02
CA ASN B 400 1.64 1.89 -5.29
C ASN B 400 3.16 1.66 -5.45
N ALA B 401 3.84 1.42 -4.35
CA ALA B 401 5.29 1.27 -4.35
C ALA B 401 5.75 0.18 -5.31
N ALA B 402 6.93 0.40 -5.88
CA ALA B 402 7.66 -0.64 -6.60
C ALA B 402 8.60 -1.33 -5.62
N VAL B 403 8.94 -2.57 -5.93
CA VAL B 403 9.83 -3.35 -5.07
C VAL B 403 10.84 -4.05 -5.97
N ARG B 404 12.13 -3.93 -5.66
CA ARG B 404 13.13 -4.73 -6.37
C ARG B 404 12.84 -6.22 -6.11
N PRO B 405 13.19 -7.11 -7.06
CA PRO B 405 12.87 -8.53 -6.87
C PRO B 405 13.58 -9.13 -5.66
N ALA B 406 12.85 -9.96 -4.91
CA ALA B 406 13.43 -10.80 -3.86
C ALA B 406 14.03 -12.05 -4.51
N THR B 407 15.36 -12.15 -4.51
CA THR B 407 15.97 -13.32 -5.11
C THR B 407 17.32 -13.58 -4.47
N PRO B 408 17.69 -14.85 -4.29
CA PRO B 408 19.01 -15.15 -3.68
C PRO B 408 20.19 -14.70 -4.52
N VAL B 409 20.02 -14.52 -5.83
CA VAL B 409 21.08 -14.08 -6.69
C VAL B 409 21.10 -12.56 -6.86
N TYR B 410 20.50 -11.82 -5.93
CA TYR B 410 20.29 -10.40 -6.15
C TYR B 410 21.62 -9.70 -6.39
N GLN B 411 22.67 -10.10 -5.69
CA GLN B 411 23.89 -9.32 -5.80
C GLN B 411 24.54 -9.50 -7.15
N ALA B 412 24.61 -10.74 -7.66
CA ALA B 412 25.07 -10.95 -9.04
C ALA B 412 24.20 -10.21 -10.02
N MET B 413 22.88 -10.26 -9.82
CA MET B 413 21.96 -9.61 -10.74
C MET B 413 22.20 -8.12 -10.76
N SER B 414 22.22 -7.49 -9.58
CA SER B 414 22.36 -6.05 -9.50
C SER B 414 23.69 -5.58 -10.09
N THR B 415 24.78 -6.24 -9.71
CA THR B 415 26.08 -5.80 -10.23
C THR B 415 26.14 -5.94 -11.74
N ARG B 416 25.52 -7.00 -12.30
CA ARG B 416 25.45 -7.11 -13.76
C ARG B 416 24.62 -6.00 -14.37
N MET B 417 23.51 -5.65 -13.72
CA MET B 417 22.68 -4.58 -14.24
C MET B 417 23.40 -3.24 -14.21
N SER B 418 24.05 -2.93 -13.08
CA SER B 418 24.70 -1.63 -13.01
C SER B 418 25.90 -1.58 -13.96
N ALA B 419 26.54 -2.73 -14.22
CA ALA B 419 27.63 -2.78 -15.18
C ALA B 419 27.14 -2.55 -16.60
N THR B 420 25.88 -2.90 -16.86
CA THR B 420 25.33 -2.70 -18.19
C THR B 420 24.81 -1.29 -18.37
N LEU B 421 24.13 -0.75 -17.36
CA LEU B 421 23.61 0.59 -17.43
C LEU B 421 24.70 1.65 -17.46
N ALA B 422 25.80 1.41 -16.77
CA ALA B 422 26.85 2.42 -16.69
C ALA B 422 27.88 2.18 -17.80
N PRO B 423 28.48 3.23 -18.38
CA PRO B 423 28.22 4.65 -18.13
C PRO B 423 26.87 5.07 -18.69
N ILE B 424 26.07 5.82 -17.92
CA ILE B 424 24.71 6.05 -18.38
C ILE B 424 24.67 6.95 -19.61
N SER B 425 25.72 7.71 -19.87
CA SER B 425 25.78 8.54 -21.07
C SER B 425 25.91 7.72 -22.36
N GLN B 426 26.24 6.45 -22.25
CA GLN B 426 26.42 5.55 -23.38
C GLN B 426 25.23 4.64 -23.62
N ILE B 427 24.17 4.73 -22.79
CA ILE B 427 23.04 3.82 -22.97
C ILE B 427 22.46 3.98 -24.37
N ASP B 428 22.15 2.85 -25.02
CA ASP B 428 21.29 2.91 -26.19
C ASP B 428 19.99 2.19 -25.84
N PRO B 429 18.86 2.87 -25.77
CA PRO B 429 17.68 2.22 -25.16
C PRO B 429 17.35 0.84 -25.73
N GLU B 430 17.32 0.66 -27.06
CA GLU B 430 16.88 -0.62 -27.60
CA GLU B 430 16.88 -0.63 -27.61
C GLU B 430 17.93 -1.71 -27.38
N ARG B 431 19.20 -1.41 -27.69
CA ARG B 431 20.24 -2.43 -27.51
C ARG B 431 20.54 -2.69 -26.03
N THR B 432 20.59 -1.63 -25.20
CA THR B 432 20.84 -1.84 -23.79
C THR B 432 19.72 -2.65 -23.14
N ALA B 433 18.49 -2.49 -23.61
CA ALA B 433 17.40 -3.33 -23.10
C ALA B 433 17.71 -4.82 -23.29
N ASP B 434 18.14 -5.19 -24.51
CA ASP B 434 18.44 -6.60 -24.77
C ASP B 434 19.65 -7.06 -23.99
N GLU B 435 20.67 -6.22 -23.88
CA GLU B 435 21.83 -6.57 -23.08
C GLU B 435 21.47 -6.76 -21.62
N LEU B 436 20.67 -5.86 -21.07
CA LEU B 436 20.20 -6.04 -19.70
C LEU B 436 19.47 -7.37 -19.51
N ALA B 437 18.58 -7.71 -20.43
CA ALA B 437 17.82 -8.94 -20.30
C ALA B 437 18.75 -10.17 -20.29
N GLU B 438 19.76 -10.17 -21.15
CA GLU B 438 20.70 -11.29 -21.21
C GLU B 438 21.55 -11.39 -19.95
N GLN B 439 21.95 -10.23 -19.41
CA GLN B 439 22.75 -10.21 -18.19
C GLN B 439 21.93 -10.69 -16.99
N VAL B 440 20.70 -10.20 -16.86
CA VAL B 440 19.85 -10.69 -15.77
C VAL B 440 19.63 -12.19 -15.92
N GLN B 441 19.45 -12.67 -17.15
CA GLN B 441 19.29 -14.10 -17.40
C GLN B 441 20.50 -14.89 -16.93
N GLN B 442 21.71 -14.37 -17.18
CA GLN B 442 22.90 -15.09 -16.73
C GLN B 442 22.95 -15.15 -15.22
N ALA B 443 22.53 -14.07 -14.54
CA ALA B 443 22.50 -14.08 -13.08
C ALA B 443 21.50 -15.08 -12.54
N ILE B 444 20.31 -15.17 -13.14
CA ILE B 444 19.35 -16.12 -12.60
C ILE B 444 19.75 -17.54 -12.96
N ASP B 445 20.49 -17.72 -14.05
CA ASP B 445 21.01 -19.05 -14.42
C ASP B 445 22.17 -19.49 -13.52
N GLY B 446 22.75 -18.59 -12.74
CA GLY B 446 23.76 -18.93 -11.78
C GLY B 446 25.19 -18.71 -12.20
N LYS B 447 25.44 -18.02 -13.30
CA LYS B 447 26.81 -17.87 -13.78
C LYS B 447 27.60 -16.84 -12.96
N GLY B 448 26.93 -15.96 -12.22
CA GLY B 448 27.60 -15.07 -11.30
C GLY B 448 27.79 -13.67 -11.80
#